data_6KQS
#
_entry.id   6KQS
#
_cell.length_a   132.734
_cell.length_b   132.734
_cell.length_c   82.466
_cell.angle_alpha   90.000
_cell.angle_beta   90.000
_cell.angle_gamma   120.000
#
_symmetry.space_group_name_H-M   'P 31 2 1'
#
loop_
_entity.id
_entity.type
_entity.pdbx_description
1 polymer lacto-N-biosidase
2 branched beta-D-galactopyranose-(1-3)-2-acetamido-2-deoxy-beta-D-glucopyranose
3 non-polymer GLYCEROL
4 water water
#
_entity_poly.entity_id   1
_entity_poly.type   'polypeptide(L)'
_entity_poly.pdbx_seq_one_letter_code
;GA(MSE)GKLCENQQEIYAAYRVANLLGVYEDCSPNGFYQRWKQKNAF(MSE)KAQAEEFGIGSTDHFIDDVERIVDQRR
AETEWKNADAWKNGTAAFGARYLTPE(MSE)YLDYELKSIQLAFATYKGELVGNHKCHVYTEDEKRAFYDANQDLFTRYH
GDLFSYEEVDLIIEKWLKVQEYQDIIESVVANTHLNETTVNEISAQDVSDEKSDNAVRWITEFEKIWNQ(MSE)QEEKRL
REDKSCPEETKSESSIGNCGHCYYVSSIHGDDANDGTEDQPLKSLYAVNRLDLQPGDQVLLERGSVFENQFLHLNVQGTK
EQPIYIGAYGNGAKPLIQTNGQGIWYQDYGNELDAPTHVYRGYVSSAVLLYDCEYLTVENLEISNKGGVFGETYSAPHK
(MSE)NRTGVAGIAKNRGTLHEIHLSNLYIHDVEGNVYDKH(MSE)NNGGIYFTCLKPEAEEKTGVARYENVSVRGCHLK
RTSRWGIAVGYSYKCKEF(MSE)TAELPDELFERYGHHNIYIADNYVEEIGGDGITV(MSE)YA(MSE)KPLVEYNSGDS
CALE(MSE)NDRYYTEPEDRAGKVAAGIWPWKCKDALLTYNE(MSE)RD(MSE)RLNQDS(MSE)AWDADSGDGTLYQYN
YSHLNEGGCV(MSE)FCLEEAIHNEFRYNVSVDDLGGLISPSGNPDAWIHHNVFYRRAEVPFVRPH(MSE)DDGKYVAEE
NEIHLI
;
_entity_poly.pdbx_strand_id   A
#
loop_
_chem_comp.id
_chem_comp.type
_chem_comp.name
_chem_comp.formula
GAL D-saccharide, beta linking beta-D-galactopyranose 'C6 H12 O6'
GOL non-polymer GLYCEROL 'C3 H8 O3'
NAG D-saccharide, beta linking 2-acetamido-2-deoxy-beta-D-glucopyranose 'C8 H15 N O6'
#
# COMPACT_ATOMS: atom_id res chain seq x y z
N ASN A 9 18.96 11.65 -2.62
CA ASN A 9 20.41 11.58 -2.42
C ASN A 9 20.76 12.13 -1.02
N GLN A 10 22.04 11.98 -0.66
CA GLN A 10 22.53 12.33 0.69
C GLN A 10 22.38 13.82 0.97
N GLN A 11 22.61 14.69 0.00
CA GLN A 11 22.51 16.16 0.20
C GLN A 11 21.06 16.57 0.44
N GLU A 12 20.11 15.91 -0.26
CA GLU A 12 18.66 16.17 -0.07
C GLU A 12 18.19 15.75 1.33
N ILE A 13 18.71 14.64 1.84
CA ILE A 13 18.38 14.15 3.22
C ILE A 13 18.93 15.17 4.21
N TYR A 14 20.20 15.56 4.02
CA TYR A 14 20.85 16.59 4.87
C TYR A 14 19.99 17.88 4.90
N ALA A 15 19.54 18.33 3.73
CA ALA A 15 18.74 19.56 3.58
C ALA A 15 17.42 19.40 4.33
N ALA A 16 16.79 18.23 4.18
CA ALA A 16 15.47 18.04 4.81
C ALA A 16 15.60 18.19 6.33
N TYR A 17 16.64 17.60 6.90
CA TYR A 17 16.82 17.66 8.37
C TYR A 17 17.21 19.08 8.83
N ARG A 18 17.89 19.84 7.96
CA ARG A 18 18.15 21.29 8.24
C ARG A 18 16.80 22.02 8.34
N VAL A 19 15.89 21.74 7.40
CA VAL A 19 14.56 22.39 7.44
C VAL A 19 13.79 21.84 8.64
N ALA A 20 13.86 20.53 8.95
CA ALA A 20 13.18 19.99 10.13
C ALA A 20 13.64 20.76 11.39
N ASN A 21 14.92 21.05 11.47
CA ASN A 21 15.48 21.71 12.68
C ASN A 21 14.92 23.13 12.76
N LEU A 22 14.82 23.82 11.62
CA LEU A 22 14.29 25.21 11.62
C LEU A 22 12.79 25.24 11.91
N LEU A 23 12.03 24.20 11.50
CA LEU A 23 10.58 24.12 11.79
C LEU A 23 10.30 23.58 13.18
N GLY A 24 11.30 23.01 13.87
CA GLY A 24 11.13 22.35 15.17
C GLY A 24 10.35 21.04 15.04
N VAL A 25 10.52 20.31 13.92
CA VAL A 25 9.80 19.03 13.73
C VAL A 25 10.34 18.02 14.74
N TYR A 26 11.68 18.02 14.91
CA TYR A 26 12.31 17.08 15.86
C TYR A 26 13.27 17.90 16.73
N GLU A 27 13.47 17.40 17.94
CA GLU A 27 14.36 18.05 18.94
C GLU A 27 15.83 17.90 18.51
N ASP A 28 16.19 16.76 17.92
CA ASP A 28 17.59 16.42 17.61
C ASP A 28 17.67 16.03 16.14
N CYS A 29 18.10 16.95 15.29
CA CYS A 29 18.15 16.75 13.81
C CYS A 29 19.55 16.32 13.34
N SER A 30 20.32 15.69 14.23
CA SER A 30 21.58 15.00 13.89
C SER A 30 21.28 13.60 13.41
N PRO A 31 22.26 12.92 12.77
CA PRO A 31 22.11 11.53 12.40
C PRO A 31 21.81 10.63 13.59
N ASN A 32 22.51 10.86 14.71
CA ASN A 32 22.15 10.11 15.93
C ASN A 32 20.70 10.37 16.33
N GLY A 33 20.22 11.61 16.19
CA GLY A 33 18.81 11.92 16.50
C GLY A 33 17.89 11.03 15.70
N PHE A 34 18.19 10.91 14.41
CA PHE A 34 17.40 10.03 13.51
C PHE A 34 17.42 8.59 14.05
N TYR A 35 18.62 8.06 14.30
CA TYR A 35 18.78 6.69 14.80
C TYR A 35 17.92 6.46 16.05
N GLN A 36 18.02 7.38 17.00
CA GLN A 36 17.31 7.24 18.29
C GLN A 36 15.80 7.28 18.08
N ARG A 37 15.31 8.13 17.15
CA ARG A 37 13.83 8.17 16.91
C ARG A 37 13.37 6.84 16.28
N TRP A 38 14.19 6.29 15.41
CA TRP A 38 13.92 4.98 14.76
C TRP A 38 13.82 3.90 15.83
N LYS A 39 14.82 3.83 16.70
CA LYS A 39 14.85 2.80 17.76
C LYS A 39 13.67 2.99 18.70
N GLN A 40 13.33 4.24 19.02
CA GLN A 40 12.24 4.58 19.95
C GLN A 40 10.92 4.14 19.29
N LYS A 41 10.81 4.38 17.97
CA LYS A 41 9.52 4.08 17.29
C LYS A 41 9.30 2.57 17.28
N ASN A 42 10.33 1.84 16.90
CA ASN A 42 10.18 0.38 16.88
C ASN A 42 9.97 -0.20 18.29
N ALA A 43 10.65 0.39 19.28
CA ALA A 43 10.46 -0.14 20.65
C ALA A 43 9.03 0.17 21.12
N PHE A 44 8.54 1.36 20.83
CA PHE A 44 7.18 1.78 21.20
C PHE A 44 6.16 0.81 20.59
N MSE A 45 6.28 0.53 19.29
CA MSE A 45 5.30 -0.35 18.66
C MSE A 45 5.36 -1.75 19.24
O MSE A 45 4.34 -2.37 19.44
CB MSE A 45 5.57 -0.40 17.15
CG MSE A 45 5.31 0.91 16.41
SE MSE A 45 3.61 1.77 16.63
CE MSE A 45 2.49 0.50 15.65
N LYS A 46 6.59 -2.23 19.52
CA LYS A 46 6.72 -3.55 20.13
C LYS A 46 6.06 -3.58 21.51
N ALA A 47 6.20 -2.52 22.28
CA ALA A 47 5.65 -2.50 23.66
C ALA A 47 4.14 -2.32 23.63
N GLN A 48 3.59 -1.52 22.70
CA GLN A 48 2.21 -1.00 22.82
C GLN A 48 1.21 -1.61 21.84
N ALA A 49 1.68 -2.12 20.70
CA ALA A 49 0.72 -2.64 19.71
C ALA A 49 0.19 -4.00 20.13
N GLU A 50 -0.89 -4.42 19.49
CA GLU A 50 -1.43 -5.78 19.69
C GLU A 50 -0.46 -6.82 19.17
N GLU A 51 -0.47 -8.00 19.77
CA GLU A 51 0.51 -9.04 19.45
C GLU A 51 0.08 -9.92 18.26
N PHE A 52 -1.21 -10.03 18.02
CA PHE A 52 -1.72 -10.94 16.96
C PHE A 52 -1.07 -10.56 15.62
N GLY A 53 -0.56 -11.56 14.92
CA GLY A 53 -0.06 -11.42 13.54
C GLY A 53 1.40 -11.11 13.46
N ILE A 54 2.10 -11.12 14.60
CA ILE A 54 3.57 -11.05 14.69
C ILE A 54 4.12 -12.48 14.70
N GLY A 55 5.21 -12.70 14.00
CA GLY A 55 5.93 -13.99 14.03
C GLY A 55 5.39 -15.01 13.05
N SER A 56 5.66 -16.28 13.26
CA SER A 56 5.37 -17.34 12.25
C SER A 56 3.88 -17.39 12.00
N THR A 57 3.49 -17.48 10.72
CA THR A 57 2.06 -17.58 10.32
C THR A 57 1.38 -18.82 10.88
N ASP A 58 2.11 -19.89 11.11
CA ASP A 58 1.43 -21.13 11.56
CA ASP A 58 1.51 -21.15 11.62
C ASP A 58 0.82 -20.90 12.95
N HIS A 59 1.29 -19.95 13.72
CA HIS A 59 0.73 -19.71 15.08
C HIS A 59 -0.49 -18.80 15.04
N PHE A 60 -0.90 -18.18 13.92
CA PHE A 60 -2.04 -17.24 14.01
C PHE A 60 -2.95 -17.27 12.79
N ILE A 61 -2.50 -17.72 11.61
CA ILE A 61 -3.30 -17.43 10.39
C ILE A 61 -4.68 -18.08 10.42
N ASP A 62 -4.80 -19.26 11.09
CA ASP A 62 -6.14 -19.90 11.18
C ASP A 62 -7.11 -19.16 12.14
N ASP A 63 -6.61 -18.19 12.88
CA ASP A 63 -7.40 -17.48 13.90
C ASP A 63 -7.79 -16.08 13.40
N VAL A 64 -7.63 -15.75 12.13
CA VAL A 64 -7.92 -14.36 11.70
C VAL A 64 -9.39 -14.07 11.94
N GLU A 65 -10.28 -14.94 11.45
CA GLU A 65 -11.73 -14.68 11.45
C GLU A 65 -12.17 -14.58 12.91
N ARG A 66 -11.61 -15.38 13.82
CA ARG A 66 -11.93 -15.31 15.27
C ARG A 66 -11.53 -13.97 15.89
N ILE A 67 -10.33 -13.49 15.60
CA ILE A 67 -9.85 -12.22 16.21
CA ILE A 67 -9.84 -12.22 16.18
C ILE A 67 -10.69 -11.07 15.61
N VAL A 68 -11.05 -11.16 14.32
CA VAL A 68 -11.96 -10.16 13.73
C VAL A 68 -13.27 -10.14 14.51
N ASP A 69 -13.88 -11.30 14.76
CA ASP A 69 -15.15 -11.32 15.51
C ASP A 69 -14.94 -10.68 16.90
N GLN A 70 -13.84 -10.96 17.57
CA GLN A 70 -13.61 -10.43 18.93
C GLN A 70 -13.51 -8.91 18.90
N ARG A 71 -12.78 -8.40 17.90
CA ARG A 71 -12.57 -6.95 17.82
C ARG A 71 -13.84 -6.25 17.37
N ARG A 72 -14.58 -6.86 16.46
CA ARG A 72 -15.85 -6.24 15.99
C ARG A 72 -16.79 -6.12 17.21
N ALA A 73 -16.66 -7.04 18.15
CA ALA A 73 -17.58 -7.09 19.32
C ALA A 73 -17.14 -6.14 20.41
N GLU A 74 -16.07 -5.38 20.27
CA GLU A 74 -15.63 -4.40 21.29
C GLU A 74 -16.73 -3.37 21.52
N THR A 75 -16.87 -2.95 22.79
CA THR A 75 -17.99 -2.12 23.26
C THR A 75 -17.52 -0.76 23.76
N GLU A 76 -16.23 -0.49 23.75
CA GLU A 76 -15.69 0.81 24.12
C GLU A 76 -14.40 1.05 23.36
N TRP A 77 -13.94 2.29 23.39
CA TRP A 77 -12.71 2.69 22.66
C TRP A 77 -11.51 2.15 23.43
N LYS A 78 -10.87 1.10 22.91
CA LYS A 78 -9.67 0.51 23.52
C LYS A 78 -8.54 1.54 23.60
N ASN A 79 -8.03 1.86 24.80
CA ASN A 79 -6.93 2.83 24.98
C ASN A 79 -7.34 4.20 24.43
N ALA A 80 -8.56 4.64 24.74
CA ALA A 80 -9.07 5.95 24.31
C ALA A 80 -8.12 7.08 24.70
N ASP A 81 -7.59 7.03 25.92
CA ASP A 81 -6.77 8.15 26.42
C ASP A 81 -5.48 8.33 25.59
N ALA A 82 -4.85 7.22 25.18
CA ALA A 82 -3.65 7.30 24.31
C ALA A 82 -4.07 7.89 22.96
N TRP A 83 -5.17 7.40 22.41
CA TRP A 83 -5.67 7.91 21.09
C TRP A 83 -5.89 9.43 21.19
N LYS A 84 -6.54 9.87 22.26
CA LYS A 84 -6.99 11.29 22.36
C LYS A 84 -5.81 12.20 22.74
N ASN A 85 -4.72 11.69 23.34
CA ASN A 85 -3.59 12.56 23.71
C ASN A 85 -2.40 12.32 22.76
N GLY A 86 -2.58 11.57 21.67
CA GLY A 86 -1.58 11.52 20.59
C GLY A 86 -0.45 10.53 20.88
N THR A 87 -0.65 9.49 21.71
CA THR A 87 0.36 8.48 22.09
C THR A 87 -0.12 7.05 21.75
N ALA A 88 -1.10 6.90 20.84
CA ALA A 88 -1.57 5.57 20.43
C ALA A 88 -0.59 4.90 19.44
N ALA A 89 -0.66 3.60 19.40
CA ALA A 89 0.19 2.77 18.49
C ALA A 89 -0.68 2.39 17.27
N PHE A 90 -0.21 2.80 16.09
CA PHE A 90 -0.88 2.50 14.81
C PHE A 90 0.18 2.56 13.72
N GLY A 91 -0.23 2.14 12.51
CA GLY A 91 0.71 1.96 11.39
C GLY A 91 1.58 0.73 11.60
N ALA A 92 2.55 0.56 10.72
CA ALA A 92 3.39 -0.64 10.72
C ALA A 92 4.05 -0.80 12.11
N ARG A 93 4.12 -2.05 12.54
CA ARG A 93 4.67 -2.35 13.89
C ARG A 93 6.17 -2.41 13.84
N TYR A 94 6.79 -2.55 12.69
CA TYR A 94 8.26 -2.48 12.56
C TYR A 94 8.51 -1.61 11.34
N LEU A 95 9.30 -0.59 11.48
CA LEU A 95 9.68 0.25 10.34
C LEU A 95 11.12 -0.11 9.97
N THR A 96 11.38 -0.54 8.75
CA THR A 96 12.75 -0.68 8.26
C THR A 96 13.39 0.69 8.17
N PRO A 97 14.71 0.80 8.07
CA PRO A 97 15.36 2.08 7.89
C PRO A 97 14.76 2.87 6.70
N GLU A 98 14.52 2.16 5.61
CA GLU A 98 13.96 2.74 4.36
C GLU A 98 12.53 3.26 4.60
N MSE A 99 11.68 2.47 5.27
CA MSE A 99 10.35 2.95 5.57
C MSE A 99 10.40 4.20 6.44
O MSE A 99 9.68 5.18 6.25
CB MSE A 99 9.57 1.89 6.33
CG MSE A 99 9.09 0.73 5.53
SE MSE A 99 8.28 -0.54 6.78
CE MSE A 99 8.06 -2.08 5.58
N TYR A 100 11.27 4.15 7.49
CA TYR A 100 11.28 5.18 8.49
C TYR A 100 11.85 6.49 7.96
N LEU A 101 12.92 6.41 7.17
CA LEU A 101 13.49 7.60 6.54
C LEU A 101 12.39 8.23 5.68
N ASP A 102 11.72 7.40 4.84
CA ASP A 102 10.68 8.02 3.97
C ASP A 102 9.53 8.61 4.79
N TYR A 103 9.14 7.97 5.86
CA TYR A 103 8.08 8.46 6.76
C TYR A 103 8.47 9.84 7.25
N GLU A 104 9.70 9.96 7.79
CA GLU A 104 10.11 11.27 8.34
C GLU A 104 10.27 12.31 7.24
N LEU A 105 10.82 11.94 6.08
CA LEU A 105 10.91 12.95 4.99
C LEU A 105 9.48 13.45 4.66
N LYS A 106 8.47 12.59 4.68
CA LYS A 106 7.10 13.03 4.40
C LYS A 106 6.61 13.91 5.53
N SER A 107 6.90 13.54 6.79
CA SER A 107 6.51 14.39 7.93
C SER A 107 7.07 15.80 7.80
N ILE A 108 8.34 15.91 7.42
CA ILE A 108 8.99 17.26 7.32
C ILE A 108 8.28 18.06 6.23
N GLN A 109 8.03 17.45 5.08
CA GLN A 109 7.33 18.12 3.99
C GLN A 109 5.95 18.58 4.45
N LEU A 110 5.19 17.72 5.10
CA LEU A 110 3.82 18.09 5.53
C LEU A 110 3.89 19.19 6.60
N ALA A 111 4.91 19.15 7.47
CA ALA A 111 5.05 20.23 8.48
C ALA A 111 5.31 21.57 7.78
N PHE A 112 6.12 21.56 6.72
CA PHE A 112 6.31 22.82 5.97
C PHE A 112 4.97 23.28 5.37
N ALA A 113 4.21 22.32 4.85
CA ALA A 113 2.96 22.63 4.14
C ALA A 113 1.94 23.23 5.08
N THR A 114 2.07 23.01 6.38
CA THR A 114 1.09 23.54 7.36
C THR A 114 1.71 24.61 8.28
N TYR A 115 2.94 24.99 8.04
CA TYR A 115 3.63 26.00 8.89
C TYR A 115 3.03 27.39 8.66
N LYS A 116 2.82 28.15 9.74
CA LYS A 116 2.12 29.46 9.69
C LYS A 116 3.13 30.61 9.94
N GLY A 117 4.37 30.25 10.27
CA GLY A 117 5.46 31.18 10.67
C GLY A 117 5.97 32.02 9.52
N GLU A 118 6.61 33.14 9.84
CA GLU A 118 7.03 34.10 8.80
C GLU A 118 8.31 33.55 8.15
N LEU A 119 9.17 32.93 8.94
CA LEU A 119 10.53 32.55 8.49
C LEU A 119 10.75 31.07 8.74
N VAL A 120 11.56 30.48 7.89
CA VAL A 120 12.25 29.20 8.16
C VAL A 120 13.74 29.49 7.99
N GLY A 121 14.43 29.68 9.11
CA GLY A 121 15.77 30.30 9.09
C GLY A 121 15.70 31.65 8.42
N ASN A 122 16.43 31.84 7.33
CA ASN A 122 16.48 33.12 6.59
C ASN A 122 15.48 33.06 5.42
N HIS A 123 14.74 31.95 5.25
CA HIS A 123 13.74 31.87 4.16
C HIS A 123 12.44 32.55 4.55
N LYS A 124 12.00 33.56 3.81
CA LYS A 124 10.69 34.18 4.07
C LYS A 124 9.62 33.26 3.46
N CYS A 125 8.76 32.72 4.30
CA CYS A 125 7.67 31.83 3.81
C CYS A 125 6.69 32.63 2.98
N HIS A 126 6.46 32.16 1.76
CA HIS A 126 5.57 32.87 0.82
C HIS A 126 4.13 32.83 1.33
N VAL A 127 3.42 33.94 1.20
CA VAL A 127 1.96 33.99 1.49
C VAL A 127 1.23 33.92 0.16
N TYR A 128 0.59 32.76 -0.11
CA TYR A 128 -0.05 32.54 -1.41
C TYR A 128 -1.34 33.36 -1.43
N THR A 129 -1.36 34.33 -2.34
CA THR A 129 -2.56 35.18 -2.44
C THR A 129 -3.68 34.48 -3.22
N GLU A 130 -4.90 34.96 -3.09
CA GLU A 130 -6.04 34.47 -3.89
C GLU A 130 -5.67 34.54 -5.36
N ASP A 131 -5.08 35.63 -5.84
CA ASP A 131 -4.73 35.70 -7.28
C ASP A 131 -3.75 34.58 -7.63
N GLU A 132 -2.76 34.32 -6.78
CA GLU A 132 -1.75 33.27 -7.09
C GLU A 132 -2.40 31.87 -7.13
N LYS A 133 -3.29 31.62 -6.21
CA LYS A 133 -3.92 30.27 -6.12
C LYS A 133 -4.86 30.12 -7.31
N ARG A 134 -5.56 31.19 -7.68
CA ARG A 134 -6.48 31.12 -8.84
C ARG A 134 -5.65 30.94 -10.10
N ALA A 135 -4.50 31.59 -10.19
CA ALA A 135 -3.63 31.42 -11.37
C ALA A 135 -3.24 29.94 -11.45
N PHE A 136 -2.90 29.33 -10.32
CA PHE A 136 -2.47 27.92 -10.35
C PHE A 136 -3.67 27.09 -10.82
N TYR A 137 -4.86 27.35 -10.31
CA TYR A 137 -6.08 26.64 -10.75
C TYR A 137 -6.24 26.73 -12.28
N ASP A 138 -6.11 27.95 -12.82
CA ASP A 138 -6.35 28.12 -14.28
C ASP A 138 -5.26 27.47 -15.12
N ALA A 139 -4.05 27.32 -14.62
CA ALA A 139 -2.90 26.73 -15.34
C ALA A 139 -2.84 25.20 -15.17
N ASN A 140 -3.65 24.64 -14.30
CA ASN A 140 -3.54 23.22 -13.91
C ASN A 140 -4.92 22.58 -13.90
N GLN A 141 -5.75 22.89 -14.89
CA GLN A 141 -7.15 22.41 -14.91
C GLN A 141 -7.20 20.86 -14.96
N ASP A 142 -6.19 20.29 -15.57
CA ASP A 142 -6.01 18.82 -15.71
C ASP A 142 -5.81 18.14 -14.37
N LEU A 143 -5.63 18.86 -13.27
CA LEU A 143 -5.52 18.22 -11.94
C LEU A 143 -6.84 18.28 -11.20
N PHE A 144 -7.84 19.01 -11.69
CA PHE A 144 -9.05 19.36 -10.92
C PHE A 144 -10.34 18.82 -11.51
N THR A 145 -10.29 17.96 -12.54
CA THR A 145 -11.50 17.29 -13.00
C THR A 145 -11.79 16.05 -12.18
N ARG A 146 -13.04 15.69 -12.12
CA ARG A 146 -13.52 14.59 -11.30
C ARG A 146 -13.79 13.38 -12.20
N TYR A 147 -14.45 12.38 -11.70
CA TYR A 147 -14.59 11.07 -12.35
C TYR A 147 -15.16 11.21 -13.76
N HIS A 148 -16.14 12.10 -13.88
CA HIS A 148 -16.87 12.29 -15.17
C HIS A 148 -16.39 13.56 -15.85
N GLY A 149 -15.26 14.16 -15.50
CA GLY A 149 -14.64 15.27 -16.23
C GLY A 149 -15.12 16.62 -15.76
N ASP A 150 -15.94 16.62 -14.73
CA ASP A 150 -16.48 17.89 -14.17
C ASP A 150 -15.44 18.50 -13.23
N LEU A 151 -15.25 19.78 -13.23
CA LEU A 151 -14.24 20.46 -12.41
C LEU A 151 -14.71 20.64 -10.99
N PHE A 152 -13.82 20.37 -10.04
CA PHE A 152 -13.91 21.01 -8.74
C PHE A 152 -13.90 22.51 -8.97
N SER A 153 -14.73 23.20 -8.19
CA SER A 153 -14.64 24.69 -8.15
C SER A 153 -13.35 25.16 -7.51
N TYR A 154 -12.89 26.36 -7.81
CA TYR A 154 -11.72 26.94 -7.13
C TYR A 154 -11.94 26.87 -5.62
N GLU A 155 -13.10 27.22 -5.12
CA GLU A 155 -13.32 27.29 -3.67
C GLU A 155 -13.13 25.92 -3.03
N GLU A 156 -13.47 24.84 -3.75
CA GLU A 156 -13.32 23.44 -3.27
C GLU A 156 -11.85 23.02 -3.23
N VAL A 157 -10.96 23.64 -3.97
CA VAL A 157 -9.54 23.23 -4.04
C VAL A 157 -8.57 24.30 -3.53
N ASP A 158 -9.06 25.51 -3.11
CA ASP A 158 -8.19 26.60 -2.63
C ASP A 158 -7.15 26.07 -1.63
N LEU A 159 -7.58 25.48 -0.53
CA LEU A 159 -6.62 25.07 0.52
C LEU A 159 -5.69 23.96 0.03
N ILE A 160 -6.18 23.10 -0.88
CA ILE A 160 -5.32 22.05 -1.49
C ILE A 160 -4.25 22.68 -2.35
N ILE A 161 -4.63 23.70 -3.17
CA ILE A 161 -3.64 24.45 -3.97
C ILE A 161 -2.60 25.06 -3.05
N GLU A 162 -3.05 25.67 -1.97
CA GLU A 162 -2.08 26.29 -1.04
C GLU A 162 -1.10 25.24 -0.49
N LYS A 163 -1.64 24.08 -0.10
CA LYS A 163 -0.76 22.98 0.35
C LYS A 163 0.27 22.61 -0.73
N TRP A 164 -0.22 22.44 -1.97
CA TRP A 164 0.67 22.06 -3.08
C TRP A 164 1.73 23.13 -3.32
N LEU A 165 1.33 24.41 -3.26
CA LEU A 165 2.30 25.50 -3.51
C LEU A 165 3.35 25.50 -2.40
N LYS A 166 2.93 25.29 -1.16
CA LYS A 166 3.88 25.25 -0.03
C LYS A 166 4.78 24.03 -0.17
N VAL A 167 4.24 22.88 -0.63
CA VAL A 167 5.13 21.70 -0.85
C VAL A 167 6.15 22.04 -1.91
N GLN A 168 5.77 22.69 -3.02
CA GLN A 168 6.76 23.05 -4.05
C GLN A 168 7.80 24.03 -3.46
N GLU A 169 7.38 24.97 -2.65
CA GLU A 169 8.32 25.93 -1.98
C GLU A 169 9.31 25.15 -1.09
N TYR A 170 8.83 24.16 -0.37
CA TYR A 170 9.69 23.27 0.43
C TYR A 170 10.73 22.58 -0.47
N GLN A 171 10.24 22.03 -1.59
CA GLN A 171 11.13 21.26 -2.48
C GLN A 171 12.14 22.23 -3.08
N ASP A 172 11.76 23.47 -3.33
CA ASP A 172 12.70 24.50 -3.86
C ASP A 172 13.79 24.81 -2.79
N ILE A 173 13.43 24.84 -1.50
CA ILE A 173 14.42 25.09 -0.41
C ILE A 173 15.41 23.93 -0.40
N ILE A 174 14.93 22.69 -0.47
CA ILE A 174 15.85 21.55 -0.52
C ILE A 174 16.83 21.79 -1.68
N GLU A 175 16.34 22.08 -2.90
CA GLU A 175 17.28 22.14 -4.07
C GLU A 175 18.26 23.31 -3.84
N SER A 176 17.83 24.37 -3.15
CA SER A 176 18.66 25.56 -2.84
C SER A 176 19.82 25.14 -1.92
N VAL A 177 19.53 24.39 -0.85
CA VAL A 177 20.52 23.90 0.13
C VAL A 177 21.48 22.95 -0.59
N VAL A 178 20.96 22.02 -1.40
CA VAL A 178 21.80 21.10 -2.23
C VAL A 178 22.78 21.94 -3.08
N ALA A 179 22.30 22.99 -3.75
CA ALA A 179 23.12 23.87 -4.63
C ALA A 179 24.20 24.64 -3.83
N ASN A 180 23.94 24.99 -2.58
CA ASN A 180 24.85 25.84 -1.75
C ASN A 180 25.87 24.99 -0.97
N THR A 181 26.06 23.73 -1.35
CA THR A 181 26.89 22.73 -0.61
C THR A 181 28.04 22.25 -1.52
N ASP A 202 30.74 21.79 4.39
CA ASP A 202 31.52 21.92 5.67
C ASP A 202 30.87 21.00 6.72
N ASN A 203 29.88 21.47 7.47
CA ASN A 203 29.19 20.59 8.45
C ASN A 203 28.13 19.74 7.71
N ALA A 204 27.83 20.01 6.43
CA ALA A 204 27.10 19.06 5.54
C ALA A 204 27.93 17.78 5.38
N VAL A 205 29.24 17.90 5.12
CA VAL A 205 30.13 16.72 4.92
C VAL A 205 30.15 15.93 6.23
N ARG A 206 30.21 16.63 7.36
CA ARG A 206 30.20 16.01 8.71
C ARG A 206 28.88 15.25 8.89
N TRP A 207 27.77 15.94 8.66
CA TRP A 207 26.40 15.36 8.88
C TRP A 207 26.25 14.12 7.98
N ILE A 208 26.60 14.26 6.69
CA ILE A 208 26.44 13.15 5.71
C ILE A 208 27.37 11.99 6.06
N THR A 209 28.63 12.27 6.45
CA THR A 209 29.59 11.21 6.85
C THR A 209 28.99 10.42 8.01
N GLU A 210 28.50 11.09 9.06
CA GLU A 210 27.92 10.39 10.25
C GLU A 210 26.65 9.64 9.84
N PHE A 211 25.82 10.23 8.98
CA PHE A 211 24.56 9.58 8.54
C PHE A 211 24.89 8.28 7.84
N GLU A 212 25.92 8.28 6.99
CA GLU A 212 26.30 7.04 6.26
C GLU A 212 26.65 5.93 7.25
N LYS A 213 27.41 6.26 8.29
CA LYS A 213 27.79 5.26 9.31
C LYS A 213 26.55 4.77 10.08
N ILE A 214 25.66 5.69 10.47
CA ILE A 214 24.39 5.40 11.18
C ILE A 214 23.54 4.50 10.26
N TRP A 215 23.41 4.86 8.99
CA TRP A 215 22.59 4.05 8.06
C TRP A 215 23.08 2.60 7.98
N ASN A 216 24.42 2.43 7.88
CA ASN A 216 25.05 1.08 7.80
C ASN A 216 24.73 0.30 9.07
N GLN A 217 24.81 0.96 10.21
CA GLN A 217 24.45 0.32 11.49
C GLN A 217 22.99 -0.12 11.52
N MSE A 218 22.10 0.75 11.03
CA MSE A 218 20.68 0.44 10.98
C MSE A 218 20.41 -0.75 10.04
O MSE A 218 19.62 -1.62 10.37
CB MSE A 218 19.95 1.70 10.51
CG MSE A 218 20.00 2.84 11.55
SE MSE A 218 19.18 4.48 10.93
CE MSE A 218 17.32 3.90 10.61
N GLN A 219 21.12 -0.82 8.91
CA GLN A 219 20.96 -1.98 8.01
C GLN A 219 21.41 -3.27 8.71
N GLU A 220 22.51 -3.21 9.47
CA GLU A 220 23.02 -4.40 10.19
C GLU A 220 21.98 -4.85 11.20
N GLU A 221 21.31 -3.92 11.88
CA GLU A 221 20.31 -4.27 12.92
C GLU A 221 19.07 -4.86 12.26
N LYS A 222 18.62 -4.26 11.16
CA LYS A 222 17.47 -4.84 10.39
C LYS A 222 17.79 -6.27 9.96
N ARG A 223 18.97 -6.47 9.39
CA ARG A 223 19.36 -7.79 8.84
C ARG A 223 19.49 -8.83 9.94
N LEU A 224 19.97 -8.44 11.11
CA LEU A 224 20.08 -9.37 12.27
C LEU A 224 18.69 -9.94 12.61
N ARG A 225 17.66 -9.10 12.54
CA ARG A 225 16.27 -9.48 12.91
C ARG A 225 15.82 -10.60 11.96
N GLU A 226 16.54 -10.83 10.87
CA GLU A 226 16.34 -11.98 9.95
C GLU A 226 17.33 -13.11 10.28
N GLY A 244 13.40 -31.97 3.21
CA GLY A 244 13.50 -30.95 2.14
C GLY A 244 14.92 -30.73 1.65
N HIS A 245 15.09 -30.18 0.45
CA HIS A 245 16.40 -29.77 -0.11
C HIS A 245 16.52 -28.25 -0.07
N CYS A 246 17.70 -27.72 0.24
CA CYS A 246 17.98 -26.27 0.20
C CYS A 246 18.81 -25.98 -1.05
N TYR A 247 18.28 -25.14 -1.92
CA TYR A 247 18.96 -24.67 -3.14
C TYR A 247 19.45 -23.28 -2.88
N TYR A 248 20.66 -22.98 -3.24
CA TYR A 248 21.31 -21.68 -3.10
C TYR A 248 21.55 -21.13 -4.49
N VAL A 249 21.25 -19.85 -4.68
CA VAL A 249 21.42 -19.14 -5.96
C VAL A 249 22.21 -17.89 -5.69
N SER A 250 23.26 -17.66 -6.44
CA SER A 250 24.12 -16.50 -6.32
C SER A 250 24.37 -15.90 -7.70
N SER A 251 23.92 -14.70 -7.98
CA SER A 251 24.18 -14.09 -9.30
C SER A 251 25.67 -13.88 -9.50
N ILE A 252 26.41 -13.62 -8.44
CA ILE A 252 27.86 -13.30 -8.58
C ILE A 252 28.67 -14.59 -8.67
N HIS A 253 28.40 -15.60 -7.84
CA HIS A 253 29.32 -16.76 -7.63
C HIS A 253 28.83 -18.05 -8.27
N GLY A 254 27.57 -18.12 -8.67
CA GLY A 254 26.94 -19.38 -9.05
C GLY A 254 27.20 -19.81 -10.49
N ASP A 255 26.65 -20.97 -10.79
CA ASP A 255 26.68 -21.58 -12.16
C ASP A 255 25.48 -22.46 -12.25
N ASP A 256 24.70 -22.35 -13.32
CA ASP A 256 23.46 -23.14 -13.45
C ASP A 256 23.74 -24.63 -13.71
N ALA A 257 25.01 -24.99 -13.96
CA ALA A 257 25.41 -26.42 -14.03
C ALA A 257 25.72 -26.98 -12.65
N ASN A 258 25.76 -26.15 -11.59
CA ASN A 258 26.04 -26.62 -10.22
C ASN A 258 24.85 -27.36 -9.60
N ASP A 259 25.11 -28.09 -8.52
CA ASP A 259 24.04 -28.85 -7.84
C ASP A 259 23.21 -27.93 -6.93
N GLY A 260 23.68 -26.71 -6.70
CA GLY A 260 22.87 -25.70 -5.97
C GLY A 260 23.09 -25.74 -4.47
N THR A 261 24.19 -26.32 -4.03
CA THR A 261 24.59 -26.28 -2.61
C THR A 261 25.15 -24.90 -2.33
N GLU A 262 25.36 -24.59 -1.05
CA GLU A 262 25.89 -23.27 -0.69
C GLU A 262 27.30 -23.08 -1.31
N ASP A 263 28.10 -24.13 -1.32
CA ASP A 263 29.48 -24.07 -1.87
C ASP A 263 29.43 -24.01 -3.40
N GLN A 264 28.42 -24.64 -4.03
CA GLN A 264 28.27 -24.60 -5.51
CA GLN A 264 28.27 -24.63 -5.51
C GLN A 264 26.86 -24.14 -5.85
N PRO A 265 26.58 -22.83 -5.69
CA PRO A 265 25.20 -22.36 -5.90
C PRO A 265 24.85 -22.24 -7.39
N LEU A 266 23.54 -22.25 -7.66
CA LEU A 266 23.04 -21.90 -9.01
C LEU A 266 23.33 -20.43 -9.26
N LYS A 267 23.15 -19.97 -10.50
CA LYS A 267 23.45 -18.59 -10.89
C LYS A 267 22.15 -17.80 -11.13
N SER A 268 21.15 -18.39 -11.74
CA SER A 268 20.00 -17.60 -12.28
C SER A 268 18.67 -18.08 -11.73
N LEU A 269 17.69 -17.17 -11.85
CA LEU A 269 16.29 -17.52 -11.51
C LEU A 269 15.70 -18.46 -12.55
N TYR A 270 16.24 -18.50 -13.79
CA TYR A 270 15.72 -19.43 -14.79
C TYR A 270 15.91 -20.88 -14.31
N ALA A 271 17.05 -21.13 -13.70
CA ALA A 271 17.35 -22.45 -13.10
C ALA A 271 16.35 -22.78 -12.00
N VAL A 272 16.00 -21.76 -11.19
CA VAL A 272 14.97 -21.96 -10.14
C VAL A 272 13.60 -22.27 -10.77
N ASN A 273 13.27 -21.56 -11.83
CA ASN A 273 12.00 -21.76 -12.54
C ASN A 273 11.86 -23.19 -13.07
N ARG A 274 13.00 -23.83 -13.34
CA ARG A 274 13.00 -25.23 -13.87
C ARG A 274 13.06 -26.27 -12.74
N LEU A 275 13.25 -25.88 -11.50
CA LEU A 275 13.36 -26.88 -10.39
C LEU A 275 12.01 -27.48 -10.11
N ASP A 276 12.01 -28.81 -9.88
CA ASP A 276 10.79 -29.50 -9.44
C ASP A 276 10.75 -29.38 -7.92
N LEU A 277 10.38 -28.20 -7.43
CA LEU A 277 10.41 -28.00 -5.97
C LEU A 277 9.32 -28.84 -5.34
N GLN A 278 9.67 -29.39 -4.19
CA GLN A 278 8.84 -30.35 -3.44
C GLN A 278 8.60 -29.81 -2.05
N PRO A 279 7.61 -30.38 -1.35
CA PRO A 279 7.40 -29.98 0.03
C PRO A 279 8.67 -29.97 0.87
N GLY A 280 8.89 -28.89 1.61
CA GLY A 280 10.07 -28.74 2.48
C GLY A 280 11.28 -28.08 1.82
N ASP A 281 11.25 -27.93 0.51
CA ASP A 281 12.40 -27.35 -0.20
C ASP A 281 12.51 -25.87 0.11
N GLN A 282 13.72 -25.36 0.09
CA GLN A 282 14.00 -23.93 0.19
C GLN A 282 14.80 -23.51 -1.00
N VAL A 283 14.59 -22.29 -1.44
CA VAL A 283 15.42 -21.61 -2.44
C VAL A 283 15.88 -20.32 -1.80
N LEU A 284 17.16 -20.13 -1.67
CA LEU A 284 17.76 -18.99 -0.99
C LEU A 284 18.60 -18.25 -2.00
N LEU A 285 18.28 -16.98 -2.19
CA LEU A 285 18.98 -16.10 -3.13
C LEU A 285 20.00 -15.28 -2.35
N GLU A 286 21.22 -15.18 -2.86
CA GLU A 286 22.31 -14.55 -2.08
C GLU A 286 22.13 -13.05 -2.00
N ARG A 287 22.25 -12.49 -0.79
CA ARG A 287 22.28 -11.04 -0.63
C ARG A 287 23.43 -10.44 -1.42
N GLY A 288 23.23 -9.27 -2.01
CA GLY A 288 24.13 -8.63 -2.98
C GLY A 288 23.85 -9.08 -4.41
N SER A 289 23.05 -10.13 -4.61
CA SER A 289 22.70 -10.57 -6.00
C SER A 289 21.85 -9.51 -6.68
N VAL A 290 22.04 -9.42 -7.96
CA VAL A 290 21.13 -8.67 -8.86
C VAL A 290 20.83 -9.63 -10.00
N PHE A 291 19.57 -9.90 -10.20
CA PHE A 291 19.07 -10.78 -11.28
C PHE A 291 18.48 -9.89 -12.37
N GLU A 292 19.31 -9.46 -13.31
CA GLU A 292 18.97 -8.43 -14.29
C GLU A 292 18.06 -9.01 -15.38
N ASN A 293 16.85 -8.43 -15.50
CA ASN A 293 15.82 -8.85 -16.48
C ASN A 293 15.24 -10.22 -16.15
N GLN A 294 15.57 -10.80 -14.99
CA GLN A 294 15.10 -12.12 -14.64
C GLN A 294 13.79 -12.05 -13.89
N PHE A 295 13.25 -13.19 -13.54
CA PHE A 295 11.93 -13.31 -12.93
C PHE A 295 11.81 -14.71 -12.34
N LEU A 296 10.97 -14.87 -11.36
CA LEU A 296 10.65 -16.13 -10.71
C LEU A 296 9.21 -16.45 -11.04
N HIS A 297 8.96 -17.45 -11.85
CA HIS A 297 7.61 -17.87 -12.26
C HIS A 297 7.46 -19.30 -11.79
N LEU A 298 6.66 -19.49 -10.76
CA LEU A 298 6.59 -20.78 -10.02
C LEU A 298 5.20 -21.33 -10.07
N ASN A 299 5.13 -22.67 -10.11
CA ASN A 299 3.90 -23.46 -9.99
C ASN A 299 4.22 -24.63 -9.09
N VAL A 300 4.34 -24.36 -7.80
CA VAL A 300 4.87 -25.37 -6.82
C VAL A 300 3.93 -25.41 -5.63
N GLN A 301 3.85 -26.60 -5.00
CA GLN A 301 3.06 -26.73 -3.76
C GLN A 301 3.83 -27.44 -2.67
N GLY A 302 3.93 -26.80 -1.52
CA GLY A 302 4.34 -27.49 -0.29
C GLY A 302 3.17 -28.25 0.26
N THR A 303 3.31 -28.66 1.54
CA THR A 303 2.22 -29.15 2.40
C THR A 303 2.17 -28.30 3.65
N LYS A 304 1.13 -28.49 4.46
CA LYS A 304 1.01 -27.78 5.75
C LYS A 304 2.20 -28.16 6.64
N GLU A 305 2.58 -29.43 6.63
CA GLU A 305 3.70 -29.92 7.48
C GLU A 305 5.04 -29.49 6.89
N GLN A 306 5.13 -29.40 5.55
CA GLN A 306 6.42 -29.09 4.91
C GLN A 306 6.20 -28.05 3.82
N PRO A 307 6.06 -26.77 4.22
CA PRO A 307 5.94 -25.72 3.22
C PRO A 307 7.23 -25.55 2.41
N ILE A 308 7.11 -24.80 1.28
CA ILE A 308 8.27 -24.37 0.50
C ILE A 308 8.63 -22.95 0.94
N TYR A 309 9.90 -22.57 0.89
CA TYR A 309 10.35 -21.23 1.32
C TYR A 309 11.26 -20.70 0.25
N ILE A 310 11.01 -19.46 -0.16
CA ILE A 310 11.91 -18.68 -1.03
C ILE A 310 12.36 -17.48 -0.22
N GLY A 311 13.65 -17.31 -0.05
CA GLY A 311 14.21 -16.24 0.75
C GLY A 311 15.62 -15.92 0.40
N ALA A 312 16.35 -15.37 1.36
CA ALA A 312 17.68 -14.78 1.18
C ALA A 312 18.71 -15.56 2.01
N TYR A 313 19.96 -15.52 1.61
CA TYR A 313 21.09 -15.97 2.48
C TYR A 313 22.25 -15.04 2.30
N GLY A 314 23.27 -15.25 3.14
CA GLY A 314 24.50 -14.45 3.03
C GLY A 314 24.41 -13.12 3.74
N ASN A 315 25.17 -12.15 3.26
CA ASN A 315 25.32 -10.82 3.89
C ASN A 315 25.20 -9.73 2.85
N GLY A 316 24.51 -8.66 3.25
CA GLY A 316 24.39 -7.45 2.44
C GLY A 316 22.94 -7.19 2.08
N ALA A 317 22.73 -6.48 0.98
CA ALA A 317 21.41 -6.00 0.55
C ALA A 317 20.54 -7.19 0.16
N LYS A 318 19.22 -7.07 0.28
CA LYS A 318 18.32 -8.12 -0.21
C LYS A 318 18.70 -8.39 -1.65
N PRO A 319 18.59 -9.67 -2.05
CA PRO A 319 18.71 -10.02 -3.46
C PRO A 319 17.66 -9.24 -4.26
N LEU A 320 18.07 -8.76 -5.42
CA LEU A 320 17.25 -7.88 -6.26
C LEU A 320 16.81 -8.60 -7.53
N ILE A 321 15.50 -8.71 -7.69
CA ILE A 321 14.89 -9.20 -8.95
C ILE A 321 14.51 -7.97 -9.76
N GLN A 322 15.29 -7.67 -10.81
CA GLN A 322 15.19 -6.41 -11.55
C GLN A 322 14.56 -6.76 -12.88
N THR A 323 13.26 -6.97 -12.92
CA THR A 323 12.63 -7.68 -14.06
C THR A 323 12.68 -6.81 -15.31
N ASN A 324 12.60 -5.49 -15.23
CA ASN A 324 12.73 -4.62 -16.39
C ASN A 324 11.76 -4.98 -17.50
N GLY A 325 10.54 -5.35 -17.16
CA GLY A 325 9.48 -5.55 -18.15
C GLY A 325 9.49 -6.92 -18.77
N GLN A 326 10.38 -7.81 -18.37
CA GLN A 326 10.35 -9.19 -18.89
C GLN A 326 9.44 -10.04 -18.03
N GLY A 327 9.62 -11.35 -17.99
CA GLY A 327 8.76 -12.19 -17.15
C GLY A 327 7.33 -12.16 -17.62
N ILE A 328 7.15 -12.37 -18.92
CA ILE A 328 5.86 -12.37 -19.62
C ILE A 328 5.03 -13.62 -19.30
N TRP A 329 3.75 -13.43 -19.12
CA TRP A 329 2.79 -14.53 -19.03
C TRP A 329 1.44 -14.02 -19.54
N TYR A 330 0.50 -14.90 -19.80
CA TYR A 330 -0.80 -14.54 -20.35
C TYR A 330 -1.87 -14.71 -19.30
N GLN A 331 -2.47 -13.59 -18.89
CA GLN A 331 -3.59 -13.59 -17.95
C GLN A 331 -4.90 -13.67 -18.71
N ASP A 332 -5.82 -14.53 -18.23
CA ASP A 332 -7.18 -14.53 -18.78
C ASP A 332 -8.14 -14.99 -17.68
N TYR A 333 -8.99 -14.08 -17.25
CA TYR A 333 -10.00 -14.42 -16.24
C TYR A 333 -11.01 -15.42 -16.80
N GLY A 334 -11.21 -15.45 -18.11
CA GLY A 334 -12.12 -16.46 -18.68
C GLY A 334 -13.55 -16.02 -18.79
N ASN A 335 -13.85 -14.83 -18.26
CA ASN A 335 -15.19 -14.22 -18.38
C ASN A 335 -15.07 -12.73 -18.06
N GLU A 336 -16.04 -11.93 -18.47
CA GLU A 336 -16.03 -10.51 -18.16
C GLU A 336 -16.11 -10.33 -16.65
N LEU A 337 -15.65 -9.17 -16.19
CA LEU A 337 -15.66 -8.86 -14.76
C LEU A 337 -16.93 -8.08 -14.37
N ASP A 338 -16.87 -7.36 -13.24
CA ASP A 338 -18.08 -6.75 -12.64
C ASP A 338 -18.60 -5.65 -13.55
N ALA A 339 -17.73 -5.00 -14.31
CA ALA A 339 -18.03 -3.99 -15.33
C ALA A 339 -17.49 -4.54 -16.64
N PRO A 340 -18.24 -4.49 -17.75
CA PRO A 340 -17.76 -5.10 -18.98
C PRO A 340 -16.57 -4.41 -19.62
N THR A 341 -16.27 -3.19 -19.21
CA THR A 341 -15.16 -2.41 -19.76
C THR A 341 -13.82 -2.79 -19.10
N HIS A 342 -13.83 -3.46 -17.97
CA HIS A 342 -12.52 -3.83 -17.36
C HIS A 342 -11.80 -4.82 -18.27
N VAL A 343 -10.53 -4.60 -18.51
CA VAL A 343 -9.66 -5.53 -19.26
C VAL A 343 -9.50 -6.76 -18.42
N TYR A 344 -9.66 -7.95 -19.01
CA TYR A 344 -9.62 -9.21 -18.24
C TYR A 344 -8.79 -10.28 -18.93
N ARG A 345 -8.12 -9.91 -20.03
CA ARG A 345 -7.15 -10.83 -20.62
C ARG A 345 -6.10 -10.02 -21.32
N GLY A 346 -4.93 -10.63 -21.41
CA GLY A 346 -3.78 -9.98 -21.98
C GLY A 346 -2.50 -10.47 -21.38
N TYR A 347 -1.38 -10.07 -21.98
CA TYR A 347 -0.06 -10.36 -21.42
C TYR A 347 0.24 -9.41 -20.26
N VAL A 348 0.95 -9.97 -19.28
CA VAL A 348 1.41 -9.28 -18.07
C VAL A 348 2.86 -9.57 -17.89
N SER A 349 3.61 -8.60 -17.37
CA SER A 349 4.97 -8.81 -16.94
C SER A 349 5.01 -8.86 -15.42
N SER A 350 5.54 -9.93 -14.85
CA SER A 350 5.62 -10.06 -13.39
C SER A 350 6.97 -10.52 -12.95
N ALA A 351 7.53 -9.83 -11.98
CA ALA A 351 8.87 -10.15 -11.42
C ALA A 351 8.79 -11.49 -10.66
N VAL A 352 7.74 -11.69 -9.87
CA VAL A 352 7.43 -12.94 -9.19
C VAL A 352 6.01 -13.30 -9.57
N LEU A 353 5.82 -14.48 -10.15
CA LEU A 353 4.50 -15.00 -10.48
C LEU A 353 4.29 -16.31 -9.74
N LEU A 354 3.32 -16.35 -8.87
CA LEU A 354 2.93 -17.57 -8.11
C LEU A 354 1.65 -18.08 -8.69
N TYR A 355 1.80 -19.05 -9.60
CA TYR A 355 0.70 -19.52 -10.45
C TYR A 355 0.24 -20.85 -9.89
N ASP A 356 -0.88 -20.84 -9.21
CA ASP A 356 -1.39 -22.09 -8.59
C ASP A 356 -0.34 -22.67 -7.65
N CYS A 357 0.29 -21.81 -6.84
CA CYS A 357 1.17 -22.26 -5.76
C CYS A 357 0.37 -22.39 -4.47
N GLU A 358 0.89 -23.25 -3.59
CA GLU A 358 0.31 -23.41 -2.23
C GLU A 358 1.41 -23.73 -1.26
N TYR A 359 1.16 -23.42 0.01
CA TYR A 359 2.07 -23.75 1.12
C TYR A 359 3.46 -23.27 0.79
N LEU A 360 3.53 -21.97 0.46
CA LEU A 360 4.74 -21.26 -0.02
C LEU A 360 4.86 -19.91 0.71
N THR A 361 6.03 -19.60 1.23
CA THR A 361 6.35 -18.29 1.80
C THR A 361 7.44 -17.70 0.92
N VAL A 362 7.33 -16.43 0.54
CA VAL A 362 8.37 -15.67 -0.20
C VAL A 362 8.80 -14.51 0.67
N GLU A 363 10.08 -14.38 0.94
CA GLU A 363 10.52 -13.43 1.98
C GLU A 363 11.85 -12.77 1.65
N ASN A 364 12.04 -11.51 2.04
CA ASN A 364 13.34 -10.83 2.04
C ASN A 364 13.93 -10.66 0.64
N LEU A 365 13.07 -10.33 -0.33
CA LEU A 365 13.49 -10.00 -1.72
C LEU A 365 13.24 -8.53 -2.00
N GLU A 366 14.07 -7.92 -2.82
CA GLU A 366 13.81 -6.62 -3.42
C GLU A 366 13.41 -6.90 -4.87
N ILE A 367 12.41 -6.15 -5.35
CA ILE A 367 11.80 -6.38 -6.68
C ILE A 367 11.61 -5.04 -7.33
N SER A 368 11.89 -4.93 -8.62
CA SER A 368 11.43 -3.79 -9.45
C SER A 368 10.90 -4.34 -10.77
N ASN A 369 10.12 -3.55 -11.46
CA ASN A 369 9.62 -3.98 -12.78
C ASN A 369 9.38 -2.77 -13.66
N LYS A 370 10.49 -2.21 -14.12
CA LYS A 370 10.48 -0.95 -14.91
C LYS A 370 10.14 -1.20 -16.38
N GLY A 371 9.45 -0.27 -16.99
CA GLY A 371 9.16 -0.38 -18.43
C GLY A 371 10.13 0.45 -19.23
N GLY A 372 9.59 1.15 -20.19
CA GLY A 372 10.44 2.01 -21.04
C GLY A 372 11.02 1.31 -22.25
N VAL A 373 10.37 0.22 -22.67
CA VAL A 373 10.80 -0.55 -23.86
C VAL A 373 10.58 0.31 -25.10
N PHE A 374 11.18 -0.12 -26.20
CA PHE A 374 10.96 0.63 -27.47
C PHE A 374 9.50 0.68 -27.84
N GLY A 375 9.04 1.85 -28.29
CA GLY A 375 7.66 2.06 -28.71
C GLY A 375 6.69 2.40 -27.59
N GLU A 376 7.13 2.31 -26.34
CA GLU A 376 6.20 2.48 -25.20
C GLU A 376 6.26 3.90 -24.64
N THR A 377 5.11 4.46 -24.34
CA THR A 377 5.03 5.72 -23.57
C THR A 377 4.32 5.45 -22.24
N TYR A 378 4.64 6.24 -21.23
CA TYR A 378 4.31 5.89 -19.82
C TYR A 378 2.80 5.79 -19.63
N SER A 379 2.04 6.70 -20.22
CA SER A 379 0.57 6.76 -20.06
C SER A 379 -0.17 6.14 -21.28
N ALA A 380 0.55 5.36 -22.08
CA ALA A 380 -0.11 4.75 -23.23
C ALA A 380 -1.28 3.90 -22.77
N PRO A 381 -2.37 3.87 -23.51
CA PRO A 381 -3.59 3.25 -23.04
C PRO A 381 -3.42 1.76 -22.73
N HIS A 382 -2.62 1.08 -23.53
CA HIS A 382 -2.47 -0.37 -23.41
C HIS A 382 -1.03 -0.70 -23.14
N LYS A 383 -0.33 0.18 -22.39
CA LYS A 383 0.95 -0.22 -21.82
C LYS A 383 0.79 -1.53 -21.06
N MSE A 384 1.82 -2.37 -21.08
CA MSE A 384 1.61 -3.69 -20.48
C MSE A 384 1.32 -3.55 -18.97
O MSE A 384 1.96 -2.75 -18.26
CB MSE A 384 2.85 -4.57 -20.69
CG MSE A 384 2.52 -6.00 -20.38
SE MSE A 384 3.91 -7.31 -20.82
CE MSE A 384 3.87 -7.09 -22.73
N ASN A 385 0.37 -4.36 -18.51
CA ASN A 385 0.17 -4.55 -17.08
C ASN A 385 1.41 -5.20 -16.49
N ARG A 386 1.81 -4.75 -15.32
CA ARG A 386 3.06 -5.21 -14.66
C ARG A 386 2.83 -5.37 -13.17
N THR A 387 3.44 -6.41 -12.62
CA THR A 387 3.32 -6.69 -11.20
C THR A 387 4.71 -6.85 -10.60
N GLY A 388 4.80 -6.57 -9.32
CA GLY A 388 5.94 -7.05 -8.53
C GLY A 388 5.76 -8.48 -8.14
N VAL A 389 4.76 -8.79 -7.34
CA VAL A 389 4.34 -10.15 -7.08
C VAL A 389 2.91 -10.33 -7.56
N ALA A 390 2.72 -11.23 -8.53
CA ALA A 390 1.40 -11.64 -9.00
C ALA A 390 1.07 -13.01 -8.42
N GLY A 391 -0.07 -13.12 -7.79
CA GLY A 391 -0.61 -14.42 -7.41
C GLY A 391 -1.82 -14.76 -8.24
N ILE A 392 -1.89 -16.01 -8.67
CA ILE A 392 -3.01 -16.53 -9.47
C ILE A 392 -3.50 -17.83 -8.85
N ALA A 393 -4.82 -17.93 -8.74
CA ALA A 393 -5.55 -19.20 -8.49
C ALA A 393 -6.31 -19.48 -9.78
N LYS A 394 -6.21 -20.73 -10.28
CA LYS A 394 -6.99 -21.15 -11.45
C LYS A 394 -7.38 -22.65 -11.33
N ASN A 395 -6.41 -23.55 -11.33
CA ASN A 395 -6.74 -24.97 -11.64
C ASN A 395 -6.58 -25.88 -10.43
N ARG A 396 -6.52 -25.35 -9.21
CA ARG A 396 -6.33 -26.18 -8.01
C ARG A 396 -7.38 -25.86 -6.97
N GLY A 397 -8.52 -25.32 -7.35
CA GLY A 397 -9.58 -24.99 -6.36
C GLY A 397 -9.03 -23.98 -5.37
N THR A 398 -9.30 -24.17 -4.10
CA THR A 398 -8.76 -23.27 -3.06
C THR A 398 -7.25 -23.43 -2.98
N LEU A 399 -6.49 -22.33 -3.05
CA LEU A 399 -5.07 -22.31 -2.76
C LEU A 399 -4.89 -21.95 -1.29
N HIS A 400 -4.08 -22.70 -0.58
CA HIS A 400 -3.86 -22.51 0.85
C HIS A 400 -2.48 -22.01 1.15
N GLU A 401 -2.34 -21.16 2.17
CA GLU A 401 -1.06 -20.91 2.84
C GLU A 401 -0.03 -20.36 1.86
N ILE A 402 -0.35 -19.19 1.31
CA ILE A 402 0.62 -18.37 0.56
C ILE A 402 0.95 -17.13 1.37
N HIS A 403 2.22 -16.84 1.59
CA HIS A 403 2.62 -15.75 2.48
C HIS A 403 3.72 -14.96 1.82
N LEU A 404 3.58 -13.62 1.83
CA LEU A 404 4.64 -12.71 1.40
C LEU A 404 5.12 -12.01 2.65
N SER A 405 6.40 -11.80 2.75
CA SER A 405 6.99 -11.20 3.96
C SER A 405 8.19 -10.35 3.61
N ASN A 406 8.23 -9.09 4.08
CA ASN A 406 9.46 -8.29 4.07
C ASN A 406 10.03 -8.18 2.66
N LEU A 407 9.11 -7.94 1.71
CA LEU A 407 9.52 -7.60 0.33
C LEU A 407 9.62 -6.12 0.16
N TYR A 408 10.59 -5.67 -0.58
CA TYR A 408 10.74 -4.27 -0.96
C TYR A 408 10.47 -4.18 -2.46
N ILE A 409 9.33 -3.66 -2.83
CA ILE A 409 8.84 -3.66 -4.22
C ILE A 409 8.75 -2.24 -4.69
N HIS A 410 9.52 -1.87 -5.70
CA HIS A 410 9.49 -0.45 -6.10
C HIS A 410 9.61 -0.35 -7.62
N ASP A 411 9.16 0.75 -8.18
CA ASP A 411 9.26 0.99 -9.62
C ASP A 411 8.68 -0.19 -10.39
N VAL A 412 7.42 -0.51 -10.06
CA VAL A 412 6.60 -1.43 -10.89
C VAL A 412 5.77 -0.56 -11.79
N GLU A 413 6.12 -0.47 -13.07
CA GLU A 413 5.50 0.54 -13.98
C GLU A 413 4.39 -0.16 -14.76
N GLY A 414 3.32 -0.52 -14.11
CA GLY A 414 2.17 -1.15 -14.75
C GLY A 414 1.32 -0.13 -15.48
N ASN A 415 0.42 -0.63 -16.29
CA ASN A 415 -0.62 0.15 -16.97
C ASN A 415 -1.27 1.12 -15.99
N VAL A 416 -1.40 2.37 -16.39
CA VAL A 416 -1.91 3.41 -15.46
C VAL A 416 -3.36 3.15 -15.16
N TYR A 417 -4.09 2.51 -16.07
CA TYR A 417 -5.57 2.52 -16.00
C TYR A 417 -6.12 1.22 -15.45
N ASP A 418 -5.57 0.07 -15.84
CA ASP A 418 -6.30 -1.22 -15.68
C ASP A 418 -6.36 -1.61 -14.21
N LYS A 419 -7.58 -1.87 -13.75
CA LYS A 419 -7.80 -2.11 -12.30
C LYS A 419 -7.63 -3.55 -11.91
N HIS A 420 -7.91 -4.55 -12.77
CA HIS A 420 -8.06 -5.93 -12.30
C HIS A 420 -7.19 -6.93 -13.05
N MSE A 421 -6.45 -6.50 -14.05
CA MSE A 421 -5.28 -7.28 -14.40
C MSE A 421 -4.34 -7.30 -13.19
O MSE A 421 -4.44 -6.43 -12.32
CB MSE A 421 -4.61 -6.70 -15.64
CG MSE A 421 -5.52 -6.60 -16.81
SE MSE A 421 -5.91 -8.42 -17.57
CE MSE A 421 -4.28 -8.69 -18.47
N ASN A 422 -3.38 -8.23 -13.18
CA ASN A 422 -2.47 -8.33 -12.04
C ASN A 422 -1.43 -7.23 -12.19
N ASN A 423 -1.82 -6.03 -11.74
CA ASN A 423 -1.19 -4.78 -12.17
C ASN A 423 -0.96 -3.88 -10.97
N GLY A 424 0.27 -3.85 -10.52
CA GLY A 424 0.66 -3.09 -9.33
C GLY A 424 1.71 -3.78 -8.55
N GLY A 425 1.90 -3.35 -7.30
CA GLY A 425 3.01 -3.89 -6.52
C GLY A 425 2.80 -5.33 -6.16
N ILE A 426 1.69 -5.66 -5.53
CA ILE A 426 1.29 -7.04 -5.17
C ILE A 426 -0.14 -7.19 -5.63
N TYR A 427 -0.49 -8.24 -6.38
CA TYR A 427 -1.87 -8.40 -6.85
C TYR A 427 -2.16 -9.89 -6.94
N PHE A 428 -3.09 -10.37 -6.13
CA PHE A 428 -3.57 -11.76 -6.12
C PHE A 428 -4.98 -11.80 -6.70
N THR A 429 -5.18 -12.66 -7.71
CA THR A 429 -6.47 -12.78 -8.41
C THR A 429 -6.81 -14.25 -8.63
N CYS A 430 -8.04 -14.46 -9.07
CA CYS A 430 -8.59 -15.81 -9.32
C CYS A 430 -9.23 -15.84 -10.68
N LEU A 431 -8.77 -16.80 -11.50
CA LEU A 431 -9.19 -16.92 -12.90
C LEU A 431 -10.14 -18.13 -13.06
N LYS A 432 -10.94 -18.10 -14.10
CA LYS A 432 -11.86 -19.26 -14.32
C LYS A 432 -11.04 -20.52 -14.53
N PRO A 433 -11.31 -21.61 -13.80
CA PRO A 433 -10.60 -22.86 -14.00
C PRO A 433 -10.84 -23.41 -15.43
N GLU A 434 -9.87 -24.15 -15.90
CA GLU A 434 -10.05 -24.94 -17.15
C GLU A 434 -11.32 -25.80 -17.02
N ALA A 435 -11.51 -26.43 -15.85
CA ALA A 435 -12.64 -27.35 -15.62
C ALA A 435 -13.04 -27.29 -14.15
N GLU A 436 -13.85 -26.29 -13.83
CA GLU A 436 -14.26 -26.05 -12.43
C GLU A 436 -14.99 -27.26 -11.83
N GLU A 437 -15.75 -27.97 -12.64
CA GLU A 437 -16.45 -29.19 -12.17
C GLU A 437 -15.44 -30.23 -11.70
N LYS A 438 -14.22 -30.26 -12.23
CA LYS A 438 -13.16 -31.20 -11.82
C LYS A 438 -12.35 -30.65 -10.63
N THR A 439 -11.97 -29.35 -10.69
CA THR A 439 -10.91 -28.89 -9.77
C THR A 439 -11.44 -27.88 -8.71
N GLY A 440 -12.66 -27.42 -8.85
CA GLY A 440 -13.31 -26.54 -7.86
C GLY A 440 -13.11 -25.07 -8.17
N VAL A 441 -13.81 -24.26 -7.39
CA VAL A 441 -13.72 -22.80 -7.51
C VAL A 441 -12.29 -22.37 -7.17
N ALA A 442 -11.68 -21.55 -8.05
CA ALA A 442 -10.39 -20.94 -7.74
C ALA A 442 -10.54 -19.79 -6.73
N ARG A 443 -9.86 -19.92 -5.62
CA ARG A 443 -10.00 -18.94 -4.51
C ARG A 443 -8.86 -19.15 -3.52
N TYR A 444 -8.80 -18.36 -2.43
CA TYR A 444 -7.67 -18.33 -1.49
C TYR A 444 -8.14 -18.63 -0.07
N GLU A 445 -7.27 -19.28 0.67
CA GLU A 445 -7.47 -19.50 2.11
C GLU A 445 -6.12 -19.41 2.81
N ASN A 446 -6.04 -18.66 3.92
CA ASN A 446 -4.84 -18.58 4.74
C ASN A 446 -3.72 -17.91 3.95
N VAL A 447 -3.93 -16.63 3.65
CA VAL A 447 -2.96 -15.85 2.81
C VAL A 447 -2.62 -14.57 3.57
N SER A 448 -1.35 -14.24 3.65
CA SER A 448 -0.92 -13.01 4.32
C SER A 448 0.09 -12.28 3.47
N VAL A 449 0.03 -10.97 3.62
CA VAL A 449 1.02 -10.04 3.08
C VAL A 449 1.45 -9.17 4.23
N ARG A 450 2.72 -9.34 4.63
CA ARG A 450 3.21 -8.67 5.85
C ARG A 450 4.55 -8.03 5.63
N GLY A 451 4.77 -6.84 6.19
CA GLY A 451 6.08 -6.21 6.26
C GLY A 451 6.64 -5.83 4.93
N CYS A 452 5.79 -5.65 3.92
CA CYS A 452 6.25 -5.27 2.58
C CYS A 452 6.25 -3.76 2.46
N HIS A 453 7.23 -3.25 1.74
CA HIS A 453 7.40 -1.82 1.46
C HIS A 453 7.22 -1.66 -0.03
N LEU A 454 6.20 -0.94 -0.42
CA LEU A 454 5.98 -0.61 -1.82
C LEU A 454 6.22 0.86 -2.04
N LYS A 455 6.86 1.21 -3.13
CA LYS A 455 7.12 2.61 -3.47
C LYS A 455 7.05 2.73 -4.98
N ARG A 456 6.30 3.69 -5.51
CA ARG A 456 6.24 3.89 -6.98
C ARG A 456 5.82 2.58 -7.69
N THR A 457 4.65 2.07 -7.34
CA THR A 457 4.01 0.99 -8.09
C THR A 457 2.74 1.56 -8.68
N SER A 458 2.43 1.08 -9.89
CA SER A 458 1.20 1.42 -10.64
C SER A 458 0.67 0.16 -11.27
N ARG A 459 -0.65 0.01 -11.34
CA ARG A 459 -1.63 0.93 -10.81
C ARG A 459 -1.78 0.71 -9.30
N TRP A 460 -2.09 -0.50 -8.89
CA TRP A 460 -2.37 -0.77 -7.44
C TRP A 460 -1.08 -0.79 -6.64
N GLY A 461 -1.27 -0.60 -5.31
CA GLY A 461 -0.28 -0.95 -4.31
C GLY A 461 -0.40 -2.40 -4.03
N ILE A 462 -1.18 -2.77 -3.03
CA ILE A 462 -1.41 -4.17 -2.63
C ILE A 462 -2.88 -4.45 -2.90
N ALA A 463 -3.20 -5.45 -3.72
CA ALA A 463 -4.59 -5.89 -3.97
C ALA A 463 -4.67 -7.41 -3.83
N VAL A 464 -5.61 -7.86 -3.01
CA VAL A 464 -5.75 -9.31 -2.77
C VAL A 464 -7.19 -9.73 -2.96
N GLY A 465 -7.51 -10.53 -3.99
CA GLY A 465 -8.74 -11.32 -4.00
C GLY A 465 -9.63 -11.17 -5.21
N TYR A 466 -9.34 -10.28 -6.17
CA TYR A 466 -10.32 -10.07 -7.27
C TYR A 466 -10.53 -11.40 -8.00
N SER A 467 -11.80 -11.71 -8.27
CA SER A 467 -12.15 -13.07 -8.75
C SER A 467 -13.06 -13.04 -9.96
N TYR A 468 -12.84 -14.04 -10.82
CA TYR A 468 -13.75 -14.34 -11.94
C TYR A 468 -15.16 -14.59 -11.45
N LYS A 469 -15.36 -14.91 -10.18
CA LYS A 469 -16.73 -15.11 -9.64
C LYS A 469 -17.39 -13.80 -9.22
N CYS A 470 -16.83 -12.64 -9.57
CA CYS A 470 -17.36 -11.33 -9.21
C CYS A 470 -18.85 -11.15 -9.46
N LYS A 471 -19.41 -11.74 -10.51
CA LYS A 471 -20.82 -11.45 -10.85
C LYS A 471 -21.74 -12.21 -9.88
N GLU A 472 -21.23 -13.09 -9.03
CA GLU A 472 -22.02 -13.74 -7.97
C GLU A 472 -22.32 -12.78 -6.82
N PHE A 473 -21.62 -11.66 -6.75
CA PHE A 473 -21.69 -10.73 -5.58
C PHE A 473 -22.41 -9.42 -5.94
N MSE A 474 -23.29 -9.38 -6.94
CA MSE A 474 -23.81 -8.12 -7.45
C MSE A 474 -25.16 -7.77 -6.81
O MSE A 474 -26.13 -7.40 -7.46
CB MSE A 474 -23.73 -8.14 -9.00
CG MSE A 474 -22.23 -7.99 -9.53
SE MSE A 474 -22.22 -7.87 -11.45
CE MSE A 474 -23.91 -8.83 -11.67
N THR A 475 -25.23 -7.96 -5.51
CA THR A 475 -26.31 -7.53 -4.62
C THR A 475 -25.70 -6.64 -3.53
N ALA A 476 -26.53 -5.92 -2.78
CA ALA A 476 -26.06 -5.09 -1.67
C ALA A 476 -25.72 -5.99 -0.48
N GLU A 477 -26.72 -6.67 0.08
CA GLU A 477 -26.43 -7.65 1.13
C GLU A 477 -25.65 -8.80 0.50
N LEU A 478 -24.67 -9.34 1.21
CA LEU A 478 -23.84 -10.48 0.75
C LEU A 478 -23.95 -11.60 1.75
N PRO A 479 -24.82 -12.61 1.51
CA PRO A 479 -24.92 -13.71 2.44
C PRO A 479 -23.61 -14.44 2.62
N ASP A 480 -23.37 -14.96 3.80
CA ASP A 480 -22.17 -15.75 4.10
C ASP A 480 -21.98 -16.86 3.05
N GLU A 481 -23.06 -17.50 2.58
CA GLU A 481 -22.99 -18.60 1.60
C GLU A 481 -22.17 -18.18 0.38
N LEU A 482 -22.23 -16.90 -0.02
CA LEU A 482 -21.44 -16.53 -1.21
C LEU A 482 -19.98 -16.77 -0.93
N PHE A 483 -19.53 -16.39 0.26
CA PHE A 483 -18.11 -16.56 0.66
C PHE A 483 -17.80 -18.03 0.84
N GLU A 484 -18.75 -18.82 1.36
CA GLU A 484 -18.49 -20.27 1.53
C GLU A 484 -18.21 -20.94 0.18
N ARG A 485 -18.87 -20.50 -0.86
CA ARG A 485 -18.79 -21.08 -2.22
C ARG A 485 -17.64 -20.44 -3.02
N TYR A 486 -17.50 -19.10 -2.95
CA TYR A 486 -16.69 -18.38 -3.97
C TYR A 486 -15.60 -17.50 -3.36
N GLY A 487 -15.64 -17.21 -2.07
CA GLY A 487 -14.82 -16.13 -1.48
C GLY A 487 -13.67 -16.68 -0.71
N HIS A 488 -12.87 -15.78 -0.17
CA HIS A 488 -11.60 -16.08 0.48
C HIS A 488 -11.73 -16.07 2.00
N HIS A 489 -10.87 -16.79 2.64
CA HIS A 489 -10.89 -16.95 4.12
C HIS A 489 -9.51 -16.80 4.71
N ASN A 490 -9.52 -16.23 5.92
CA ASN A 490 -8.28 -15.97 6.67
C ASN A 490 -7.27 -15.22 5.79
N ILE A 491 -7.68 -14.00 5.42
CA ILE A 491 -6.81 -13.04 4.65
C ILE A 491 -6.29 -11.98 5.60
N TYR A 492 -4.98 -11.83 5.67
CA TYR A 492 -4.31 -10.99 6.65
C TYR A 492 -3.30 -10.08 5.98
N ILE A 493 -3.50 -8.76 6.05
CA ILE A 493 -2.62 -7.78 5.39
C ILE A 493 -2.15 -6.83 6.47
N ALA A 494 -0.90 -6.90 6.86
CA ALA A 494 -0.43 -6.11 8.04
C ALA A 494 1.01 -5.70 7.95
N ASP A 495 1.36 -4.60 8.62
CA ASP A 495 2.76 -4.15 8.78
C ASP A 495 3.42 -3.76 7.46
N ASN A 496 2.59 -3.45 6.46
CA ASN A 496 3.11 -2.97 5.18
C ASN A 496 3.23 -1.46 5.18
N TYR A 497 3.98 -0.94 4.23
CA TYR A 497 4.21 0.49 4.01
C TYR A 497 4.01 0.70 2.53
N VAL A 498 3.06 1.54 2.18
CA VAL A 498 2.80 1.84 0.74
C VAL A 498 2.97 3.35 0.58
N GLU A 499 3.73 3.75 -0.41
CA GLU A 499 3.95 5.19 -0.63
C GLU A 499 4.13 5.45 -2.12
N GLU A 500 3.71 6.63 -2.56
CA GLU A 500 3.93 7.08 -3.96
CA GLU A 500 3.91 7.08 -3.96
C GLU A 500 3.33 6.05 -4.92
N ILE A 501 2.10 5.69 -4.73
CA ILE A 501 1.36 4.67 -5.51
C ILE A 501 0.50 5.37 -6.55
N GLY A 502 0.44 4.81 -7.75
CA GLY A 502 -0.32 5.49 -8.81
C GLY A 502 -1.80 5.50 -8.52
N GLY A 503 -2.34 4.36 -8.08
CA GLY A 503 -3.76 4.21 -7.73
C GLY A 503 -3.99 3.96 -6.25
N ASP A 504 -4.79 2.96 -5.95
CA ASP A 504 -5.21 2.65 -4.57
C ASP A 504 -4.05 2.07 -3.79
N GLY A 505 -4.04 2.32 -2.49
CA GLY A 505 -2.94 1.81 -1.65
C GLY A 505 -3.05 0.35 -1.31
N ILE A 506 -4.09 -0.04 -0.59
CA ILE A 506 -4.29 -1.44 -0.16
C ILE A 506 -5.76 -1.78 -0.28
N THR A 507 -6.08 -2.87 -0.99
CA THR A 507 -7.48 -3.28 -1.17
C THR A 507 -7.57 -4.78 -1.00
N VAL A 508 -8.58 -5.23 -0.31
CA VAL A 508 -8.90 -6.67 -0.18
C VAL A 508 -10.26 -6.87 -0.81
N MSE A 509 -10.45 -7.98 -1.55
CA MSE A 509 -11.64 -8.21 -2.34
C MSE A 509 -12.19 -9.64 -2.15
O MSE A 509 -11.42 -10.59 -2.05
CB MSE A 509 -11.35 -8.09 -3.84
CG MSE A 509 -10.78 -6.75 -4.18
SE MSE A 509 -8.98 -6.73 -4.80
CE MSE A 509 -8.91 -5.01 -5.76
N TYR A 510 -13.52 -9.74 -2.02
CA TYR A 510 -14.22 -11.00 -2.03
C TYR A 510 -13.85 -11.92 -0.89
N ALA A 511 -13.56 -11.31 0.29
CA ALA A 511 -13.09 -12.05 1.46
C ALA A 511 -14.08 -11.98 2.63
N MSE A 512 -14.11 -13.10 3.35
CA MSE A 512 -14.87 -13.16 4.60
C MSE A 512 -13.98 -12.70 5.73
O MSE A 512 -12.92 -13.28 5.97
CB MSE A 512 -15.25 -14.62 4.81
CG MSE A 512 -15.84 -14.86 6.21
SE MSE A 512 -17.48 -13.94 6.61
CE MSE A 512 -18.56 -14.80 5.36
N LYS A 513 -14.43 -11.64 6.40
CA LYS A 513 -13.77 -11.13 7.59
C LYS A 513 -12.26 -11.00 7.40
N PRO A 514 -11.81 -10.30 6.33
CA PRO A 514 -10.40 -9.99 6.22
C PRO A 514 -9.98 -9.02 7.33
N LEU A 515 -8.73 -9.07 7.71
CA LEU A 515 -8.12 -8.21 8.70
C LEU A 515 -7.00 -7.45 8.03
N VAL A 516 -7.20 -6.15 7.91
CA VAL A 516 -6.23 -5.21 7.29
C VAL A 516 -5.78 -4.27 8.40
N GLU A 517 -4.58 -4.41 8.88
CA GLU A 517 -4.21 -3.72 10.13
C GLU A 517 -2.76 -3.34 10.14
N TYR A 518 -2.45 -2.30 10.95
CA TYR A 518 -1.06 -1.93 11.18
C TYR A 518 -0.32 -1.72 9.86
N ASN A 519 -1.00 -1.08 8.89
CA ASN A 519 -0.31 -0.65 7.67
C ASN A 519 -0.13 0.86 7.70
N SER A 520 0.91 1.36 7.09
CA SER A 520 1.20 2.79 6.93
C SER A 520 1.15 3.11 5.44
N GLY A 521 0.57 4.23 5.11
CA GLY A 521 0.49 4.69 3.73
C GLY A 521 0.69 6.16 3.64
N ASP A 522 1.25 6.60 2.52
CA ASP A 522 1.17 7.99 2.15
C ASP A 522 1.15 8.17 0.65
N SER A 523 0.58 9.26 0.21
CA SER A 523 0.74 9.75 -1.17
CA SER A 523 0.65 9.76 -1.19
C SER A 523 0.35 8.64 -2.16
N CYS A 524 -0.83 8.09 -2.01
CA CYS A 524 -1.40 7.20 -3.08
C CYS A 524 -2.27 8.05 -3.99
N ALA A 525 -2.76 7.42 -5.06
CA ALA A 525 -3.60 8.05 -6.09
C ALA A 525 -2.79 9.10 -6.84
N LEU A 526 -1.48 8.96 -6.99
CA LEU A 526 -0.70 10.01 -7.65
C LEU A 526 -1.10 10.14 -9.12
N GLU A 527 -1.60 9.09 -9.76
CA GLU A 527 -1.86 9.12 -11.22
C GLU A 527 -3.34 9.24 -11.53
N MSE A 528 -4.21 9.43 -10.55
CA MSE A 528 -5.65 9.44 -10.73
C MSE A 528 -6.11 10.87 -11.08
O MSE A 528 -7.00 11.42 -10.41
CB MSE A 528 -6.37 8.87 -9.54
CG MSE A 528 -5.96 7.49 -9.17
SE MSE A 528 -6.41 6.13 -10.54
CE MSE A 528 -4.76 5.91 -11.44
N ASN A 529 -5.51 11.41 -12.13
CA ASN A 529 -5.83 12.74 -12.60
C ASN A 529 -5.55 12.78 -14.08
N ASP A 530 -6.10 13.76 -14.76
CA ASP A 530 -5.97 13.80 -16.22
C ASP A 530 -4.57 14.03 -16.66
N ARG A 531 -3.64 14.54 -15.88
CA ARG A 531 -2.27 14.77 -16.31
C ARG A 531 -1.61 13.43 -16.64
N TYR A 532 -1.91 12.38 -15.87
CA TYR A 532 -1.31 11.04 -16.10
C TYR A 532 -2.35 10.08 -16.70
N TYR A 533 -3.62 10.25 -16.44
CA TYR A 533 -4.72 9.34 -16.85
C TYR A 533 -5.25 9.86 -18.18
N THR A 534 -4.42 9.80 -19.20
CA THR A 534 -4.65 10.55 -20.45
C THR A 534 -5.56 9.79 -21.41
N GLU A 535 -5.47 8.46 -21.45
CA GLU A 535 -6.21 7.68 -22.48
C GLU A 535 -6.94 6.51 -21.83
N PRO A 536 -7.96 6.79 -20.99
CA PRO A 536 -8.72 5.73 -20.38
C PRO A 536 -9.59 4.92 -21.30
N GLU A 537 -9.84 5.49 -22.49
CA GLU A 537 -10.79 4.88 -23.46
C GLU A 537 -12.13 4.76 -22.76
N ASP A 538 -12.72 3.58 -22.70
CA ASP A 538 -14.04 3.37 -22.08
C ASP A 538 -13.92 2.82 -20.66
N ARG A 539 -12.71 2.81 -20.10
CA ARG A 539 -12.51 2.10 -18.81
C ARG A 539 -12.91 2.94 -17.56
N ALA A 540 -13.00 4.23 -17.72
CA ALA A 540 -13.24 5.13 -16.55
C ALA A 540 -12.23 4.74 -15.47
N GLY A 541 -12.63 4.74 -14.22
CA GLY A 541 -11.74 4.34 -13.11
C GLY A 541 -10.79 5.42 -12.61
N LYS A 542 -10.95 6.69 -12.93
CA LYS A 542 -10.02 7.77 -12.51
C LYS A 542 -10.34 8.20 -11.07
N VAL A 543 -10.04 7.35 -10.12
CA VAL A 543 -10.33 7.54 -8.69
C VAL A 543 -9.43 6.57 -7.96
N ALA A 544 -9.07 6.95 -6.73
CA ALA A 544 -8.52 6.00 -5.76
C ALA A 544 -8.66 6.54 -4.35
N ALA A 545 -8.70 5.59 -3.45
CA ALA A 545 -8.71 5.83 -2.00
C ALA A 545 -7.54 5.06 -1.38
N GLY A 546 -7.40 5.12 -0.08
CA GLY A 546 -6.20 4.63 0.58
C GLY A 546 -6.21 3.13 0.89
N ILE A 547 -6.98 2.71 1.87
CA ILE A 547 -6.92 1.33 2.39
C ILE A 547 -8.33 0.87 2.64
N TRP A 548 -8.83 -0.11 1.91
CA TRP A 548 -10.28 -0.33 1.85
C TRP A 548 -10.64 -1.72 1.34
N PRO A 549 -11.86 -2.18 1.62
CA PRO A 549 -12.37 -3.47 1.16
C PRO A 549 -13.44 -3.33 0.06
N TRP A 550 -13.44 -4.31 -0.84
CA TRP A 550 -14.38 -4.44 -1.97
C TRP A 550 -15.07 -5.80 -1.87
N LYS A 551 -16.40 -5.76 -1.74
CA LYS A 551 -17.24 -6.96 -1.73
C LYS A 551 -16.74 -7.96 -0.73
N CYS A 552 -16.40 -7.48 0.45
CA CYS A 552 -16.09 -8.30 1.62
C CYS A 552 -17.28 -8.38 2.57
N LYS A 553 -17.22 -9.39 3.41
CA LYS A 553 -18.23 -9.53 4.48
C LYS A 553 -17.54 -9.30 5.82
N ASP A 554 -18.06 -8.33 6.56
CA ASP A 554 -17.67 -8.08 7.97
C ASP A 554 -16.15 -7.86 8.03
N ALA A 555 -15.59 -7.11 7.05
CA ALA A 555 -14.18 -6.73 7.07
C ALA A 555 -13.84 -5.87 8.29
N LEU A 556 -12.63 -6.00 8.78
CA LEU A 556 -12.10 -5.14 9.83
C LEU A 556 -10.81 -4.49 9.37
N LEU A 557 -10.83 -3.17 9.33
CA LEU A 557 -9.62 -2.38 9.02
C LEU A 557 -9.31 -1.55 10.26
N THR A 558 -8.15 -1.75 10.82
CA THR A 558 -7.86 -1.24 12.18
C THR A 558 -6.38 -0.97 12.34
N TYR A 559 -6.05 0.06 13.12
CA TYR A 559 -4.64 0.36 13.44
C TYR A 559 -3.82 0.73 12.21
N ASN A 560 -4.49 1.28 11.20
CA ASN A 560 -3.78 1.76 10.00
C ASN A 560 -3.51 3.25 10.11
N GLU A 561 -2.63 3.76 9.28
CA GLU A 561 -2.25 5.17 9.20
C GLU A 561 -2.19 5.51 7.73
N MSE A 562 -2.87 6.58 7.32
CA MSE A 562 -2.82 7.03 5.93
C MSE A 562 -2.69 8.55 5.90
O MSE A 562 -3.52 9.24 6.53
CB MSE A 562 -4.04 6.59 5.12
CG MSE A 562 -4.14 7.21 3.75
SE MSE A 562 -2.59 6.83 2.55
CE MSE A 562 -3.16 5.22 2.60
N ARG A 563 -1.73 9.06 5.18
CA ARG A 563 -1.47 10.49 5.09
C ARG A 563 -1.40 10.90 3.62
N ASP A 564 -1.77 12.14 3.35
CA ASP A 564 -1.35 12.83 2.10
C ASP A 564 -1.88 12.14 0.84
N MSE A 565 -3.07 11.55 0.88
CA MSE A 565 -3.68 11.08 -0.37
C MSE A 565 -3.80 12.24 -1.36
O MSE A 565 -4.16 13.35 -1.02
CB MSE A 565 -5.06 10.54 -0.13
CG MSE A 565 -5.11 9.22 0.65
SE MSE A 565 -4.47 7.74 -0.45
CE MSE A 565 -5.57 7.91 -2.00
N ARG A 566 -3.54 11.91 -2.63
CA ARG A 566 -3.50 12.91 -3.68
C ARG A 566 -4.84 13.10 -4.40
N LEU A 567 -5.26 14.36 -4.47
CA LEU A 567 -6.60 14.75 -4.88
C LEU A 567 -7.10 14.02 -6.12
N ASN A 568 -8.31 13.51 -5.97
CA ASN A 568 -9.17 13.07 -7.07
C ASN A 568 -10.59 13.09 -6.58
N GLN A 569 -11.57 12.63 -7.33
CA GLN A 569 -12.96 12.65 -6.84
C GLN A 569 -13.03 11.92 -5.50
N ASP A 570 -12.26 10.84 -5.31
CA ASP A 570 -12.19 10.13 -4.03
C ASP A 570 -11.07 10.78 -3.22
N SER A 571 -9.92 10.13 -3.09
CA SER A 571 -8.70 10.67 -2.39
C SER A 571 -8.88 10.80 -0.87
N MSE A 572 -9.83 10.09 -0.31
CA MSE A 572 -9.90 9.98 1.14
C MSE A 572 -9.08 8.77 1.58
O MSE A 572 -8.74 7.87 0.82
CB MSE A 572 -11.33 9.87 1.63
CG MSE A 572 -12.13 8.63 1.27
SE MSE A 572 -12.58 8.46 -0.60
CE MSE A 572 -13.60 10.16 -0.70
N ALA A 573 -8.81 8.70 2.88
CA ALA A 573 -8.05 7.60 3.45
C ALA A 573 -8.79 6.29 3.39
N TRP A 574 -10.04 6.31 3.81
CA TRP A 574 -10.82 5.10 4.11
C TRP A 574 -12.05 5.07 3.22
N ASP A 575 -12.47 3.86 2.87
CA ASP A 575 -13.61 3.72 1.91
C ASP A 575 -14.41 2.48 2.19
N ALA A 576 -15.55 2.65 2.89
CA ALA A 576 -16.48 1.52 3.00
C ALA A 576 -17.19 1.44 1.66
N ASP A 577 -16.59 0.64 0.76
CA ASP A 577 -17.07 0.61 -0.63
C ASP A 577 -18.18 -0.44 -0.71
N SER A 578 -18.59 -0.81 -1.92
CA SER A 578 -19.57 -1.89 -2.02
C SER A 578 -19.09 -3.09 -1.22
N GLY A 579 -19.96 -3.64 -0.37
CA GLY A 579 -19.66 -4.75 0.53
C GLY A 579 -20.57 -4.65 1.72
N ASP A 580 -20.42 -5.58 2.63
CA ASP A 580 -21.45 -5.78 3.67
C ASP A 580 -20.75 -5.93 5.02
N GLY A 581 -20.94 -4.94 5.91
CA GLY A 581 -20.47 -5.04 7.30
C GLY A 581 -19.13 -4.41 7.58
N THR A 582 -18.61 -3.58 6.69
CA THR A 582 -17.27 -3.02 6.94
C THR A 582 -17.21 -2.25 8.24
N LEU A 583 -16.20 -2.54 9.06
CA LEU A 583 -15.88 -1.72 10.27
C LEU A 583 -14.50 -1.14 10.14
N TYR A 584 -14.35 0.17 10.31
CA TYR A 584 -13.07 0.84 10.57
C TYR A 584 -13.03 1.27 12.04
N GLN A 585 -12.04 0.83 12.76
CA GLN A 585 -11.79 1.35 14.15
C GLN A 585 -10.30 1.48 14.38
N TYR A 586 -9.91 2.50 15.14
CA TYR A 586 -8.52 2.69 15.58
C TYR A 586 -7.60 2.99 14.39
N ASN A 587 -8.05 3.84 13.48
CA ASN A 587 -7.22 4.29 12.33
C ASN A 587 -6.91 5.76 12.44
N TYR A 588 -5.75 6.15 11.97
CA TYR A 588 -5.25 7.53 11.98
C TYR A 588 -5.14 8.06 10.55
N SER A 589 -5.65 9.26 10.29
CA SER A 589 -5.55 9.88 8.95
C SER A 589 -5.07 11.30 9.09
N HIS A 590 -4.26 11.77 8.15
CA HIS A 590 -3.72 13.13 8.20
C HIS A 590 -3.51 13.74 6.82
N LEU A 591 -4.08 14.90 6.56
CA LEU A 591 -3.82 15.76 5.38
C LEU A 591 -4.18 15.02 4.08
N ASN A 592 -5.16 14.12 4.12
CA ASN A 592 -5.66 13.50 2.86
C ASN A 592 -6.50 14.51 2.13
N GLU A 593 -6.29 14.57 0.80
CA GLU A 593 -6.90 15.70 0.02
C GLU A 593 -8.38 15.49 -0.28
N GLY A 594 -8.92 14.29 -0.11
CA GLY A 594 -10.33 13.96 -0.27
C GLY A 594 -11.02 13.65 1.03
N GLY A 595 -10.29 13.85 2.14
CA GLY A 595 -10.95 13.71 3.45
C GLY A 595 -10.65 12.39 4.14
N CYS A 596 -11.51 12.03 5.07
CA CYS A 596 -11.26 10.91 5.98
C CYS A 596 -11.91 9.63 5.42
N VAL A 597 -13.23 9.56 5.25
CA VAL A 597 -13.91 8.29 4.96
C VAL A 597 -15.09 8.50 4.03
N MSE A 598 -15.19 7.59 3.07
CA MSE A 598 -16.32 7.49 2.18
C MSE A 598 -17.12 6.24 2.45
O MSE A 598 -16.63 5.24 2.93
CB MSE A 598 -15.79 7.42 0.74
CG MSE A 598 -16.87 7.24 -0.32
SE MSE A 598 -16.27 7.58 -2.14
CE MSE A 598 -15.05 6.19 -2.38
N PHE A 599 -18.45 6.35 2.17
CA PHE A 599 -19.37 5.25 2.13
C PHE A 599 -19.99 5.26 0.75
N CYS A 600 -19.60 4.29 -0.11
CA CYS A 600 -19.79 4.46 -1.56
C CYS A 600 -20.96 3.70 -2.16
N LEU A 601 -22.04 4.46 -2.36
CA LEU A 601 -23.17 4.05 -3.23
C LEU A 601 -23.97 2.90 -2.63
N GLU A 602 -24.95 2.39 -3.40
CA GLU A 602 -26.11 1.73 -2.77
C GLU A 602 -25.74 0.34 -2.27
N GLU A 603 -24.59 -0.24 -2.70
CA GLU A 603 -24.21 -1.59 -2.25
C GLU A 603 -23.15 -1.55 -1.14
N ALA A 604 -22.88 -0.37 -0.58
CA ALA A 604 -22.00 -0.23 0.61
C ALA A 604 -22.91 -0.29 1.84
N ILE A 605 -23.14 -1.48 2.37
CA ILE A 605 -24.24 -1.63 3.37
C ILE A 605 -23.66 -2.08 4.72
N HIS A 606 -24.35 -1.70 5.80
CA HIS A 606 -23.99 -2.06 7.20
C HIS A 606 -22.59 -1.57 7.57
N ASN A 607 -22.38 -0.29 7.40
CA ASN A 607 -21.07 0.36 7.58
C ASN A 607 -20.95 0.93 8.99
N GLU A 608 -19.81 0.79 9.63
CA GLU A 608 -19.57 1.40 10.94
C GLU A 608 -18.18 2.02 10.97
N PHE A 609 -18.04 3.20 11.52
CA PHE A 609 -16.80 3.97 11.56
C PHE A 609 -16.69 4.55 12.98
N ARG A 610 -15.85 3.98 13.80
CA ARG A 610 -15.79 4.37 15.21
C ARG A 610 -14.37 4.35 15.73
N TYR A 611 -14.07 5.20 16.69
CA TYR A 611 -12.79 5.13 17.43
C TYR A 611 -11.62 5.38 16.45
N ASN A 612 -11.87 6.29 15.52
CA ASN A 612 -10.80 6.75 14.61
C ASN A 612 -10.39 8.18 14.91
N VAL A 613 -9.21 8.57 14.50
CA VAL A 613 -8.71 9.95 14.66
C VAL A 613 -8.34 10.50 13.29
N SER A 614 -8.86 11.66 12.92
CA SER A 614 -8.64 12.37 11.66
C SER A 614 -8.04 13.73 11.95
N VAL A 615 -6.86 14.05 11.49
CA VAL A 615 -6.19 15.33 11.78
C VAL A 615 -5.96 16.09 10.50
N ASP A 616 -6.63 17.22 10.31
CA ASP A 616 -6.39 18.11 9.16
C ASP A 616 -6.56 17.32 7.85
N ASP A 617 -7.56 16.48 7.75
CA ASP A 617 -7.97 16.01 6.40
C ASP A 617 -8.60 17.21 5.69
N LEU A 618 -8.52 17.23 4.37
CA LEU A 618 -8.98 18.36 3.54
C LEU A 618 -10.16 17.94 2.68
N GLY A 619 -10.77 18.94 2.02
CA GLY A 619 -11.89 18.71 1.11
C GLY A 619 -13.16 18.62 1.85
N GLY A 620 -13.27 17.64 2.70
CA GLY A 620 -14.45 17.43 3.53
C GLY A 620 -14.31 16.11 4.24
N LEU A 621 -14.72 15.96 5.47
CA LEU A 621 -14.29 14.80 6.26
C LEU A 621 -14.98 13.51 5.81
N ILE A 622 -16.29 13.52 5.71
CA ILE A 622 -17.05 12.32 5.37
C ILE A 622 -17.67 12.47 3.99
N SER A 623 -17.63 11.38 3.22
CA SER A 623 -18.22 11.34 1.85
C SER A 623 -19.28 10.27 1.81
N PRO A 624 -20.48 10.49 2.40
CA PRO A 624 -21.59 9.55 2.34
C PRO A 624 -22.28 9.72 0.99
N SER A 625 -21.75 9.01 -0.02
CA SER A 625 -22.14 9.22 -1.44
C SER A 625 -23.16 8.18 -1.85
N GLY A 626 -24.45 8.47 -1.68
CA GLY A 626 -25.52 7.55 -2.16
C GLY A 626 -25.62 6.24 -1.42
N ASN A 627 -25.00 6.13 -0.24
CA ASN A 627 -24.97 4.91 0.58
C ASN A 627 -26.25 4.78 1.39
N PRO A 628 -26.64 3.55 1.73
CA PRO A 628 -27.93 3.35 2.42
C PRO A 628 -27.88 3.51 3.93
N ASP A 629 -26.69 3.47 4.50
CA ASP A 629 -26.51 3.60 5.97
C ASP A 629 -25.06 3.91 6.23
N ALA A 630 -24.74 4.47 7.40
CA ALA A 630 -23.36 4.55 7.89
C ALA A 630 -23.45 5.02 9.34
N TRP A 631 -22.90 4.28 10.24
CA TRP A 631 -22.92 4.64 11.68
C TRP A 631 -21.55 5.23 12.06
N ILE A 632 -21.47 6.54 12.20
CA ILE A 632 -20.21 7.26 12.38
C ILE A 632 -20.19 7.83 13.78
N HIS A 633 -19.55 7.19 14.70
CA HIS A 633 -19.74 7.54 16.12
C HIS A 633 -18.45 7.38 16.89
N HIS A 634 -18.29 8.17 17.96
CA HIS A 634 -17.13 8.03 18.87
C HIS A 634 -15.83 8.08 18.08
N ASN A 635 -15.72 9.09 17.23
CA ASN A 635 -14.45 9.42 16.56
C ASN A 635 -13.94 10.77 17.02
N VAL A 636 -12.71 11.10 16.73
CA VAL A 636 -12.19 12.47 16.97
C VAL A 636 -11.70 13.03 15.67
N PHE A 637 -12.16 14.20 15.28
CA PHE A 637 -11.80 14.87 14.04
C PHE A 637 -11.23 16.23 14.40
N TYR A 638 -10.15 16.65 13.83
CA TYR A 638 -9.58 18.00 13.90
C TYR A 638 -9.71 18.55 12.50
N ARG A 639 -10.54 19.54 12.26
CA ARG A 639 -10.74 20.11 10.95
C ARG A 639 -10.52 21.62 10.97
N ARG A 640 -10.00 22.16 9.91
CA ARG A 640 -10.05 23.63 9.72
C ARG A 640 -11.50 24.08 9.65
N ALA A 641 -11.80 25.29 10.16
CA ALA A 641 -13.18 25.79 10.08
C ALA A 641 -13.72 25.80 8.65
N GLU A 642 -12.86 26.02 7.66
CA GLU A 642 -13.28 26.09 6.22
C GLU A 642 -13.16 24.73 5.50
N VAL A 643 -12.97 23.65 6.22
CA VAL A 643 -13.12 22.27 5.68
C VAL A 643 -14.37 21.71 6.30
N PRO A 644 -15.42 21.41 5.52
CA PRO A 644 -16.67 20.96 6.08
C PRO A 644 -16.64 19.53 6.60
N PHE A 645 -17.47 19.21 7.55
CA PHE A 645 -17.64 17.85 8.01
C PHE A 645 -18.08 16.96 6.83
N VAL A 646 -19.08 17.37 6.06
CA VAL A 646 -19.60 16.59 4.93
C VAL A 646 -19.01 17.18 3.65
N ARG A 647 -18.40 16.31 2.83
CA ARG A 647 -17.70 16.77 1.63
C ARG A 647 -18.68 17.15 0.52
N PRO A 648 -18.42 18.26 -0.17
CA PRO A 648 -19.32 18.65 -1.26
C PRO A 648 -19.48 17.59 -2.35
N HIS A 649 -20.69 17.50 -2.91
CA HIS A 649 -21.06 16.57 -4.00
C HIS A 649 -21.03 15.11 -3.57
N MSE A 650 -20.66 14.76 -2.32
CA MSE A 650 -20.66 13.36 -1.88
C MSE A 650 -21.30 13.33 -0.54
O MSE A 650 -20.78 12.71 0.41
CB MSE A 650 -19.31 12.65 -1.78
CG MSE A 650 -18.20 13.32 -2.58
SE MSE A 650 -18.26 12.14 -4.16
CE MSE A 650 -16.84 10.95 -3.41
N ASP A 651 -22.51 13.89 -0.52
CA ASP A 651 -23.15 14.24 0.74
C ASP A 651 -24.60 13.77 0.78
N ASP A 652 -25.07 12.97 -0.19
CA ASP A 652 -26.53 12.67 -0.37
C ASP A 652 -26.88 11.27 0.15
N GLY A 653 -25.96 10.62 0.83
CA GLY A 653 -26.25 9.30 1.41
C GLY A 653 -26.84 9.42 2.79
N LYS A 654 -27.17 8.30 3.37
CA LYS A 654 -27.78 8.23 4.70
C LYS A 654 -26.67 7.94 5.71
N TYR A 655 -26.69 8.62 6.85
CA TYR A 655 -25.74 8.31 7.94
C TYR A 655 -26.29 8.83 9.27
N VAL A 656 -25.82 8.19 10.32
CA VAL A 656 -26.06 8.57 11.74
C VAL A 656 -24.68 8.98 12.27
N ALA A 657 -24.48 10.28 12.48
CA ALA A 657 -23.21 10.80 13.05
C ALA A 657 -23.53 11.24 14.47
N GLU A 658 -22.96 10.58 15.45
CA GLU A 658 -23.26 10.95 16.84
C GLU A 658 -22.03 10.71 17.70
N GLU A 659 -21.96 11.44 18.83
CA GLU A 659 -20.91 11.26 19.85
C GLU A 659 -19.51 11.35 19.21
N ASN A 660 -19.37 12.24 18.27
CA ASN A 660 -18.05 12.57 17.68
C ASN A 660 -17.51 13.84 18.32
N GLU A 661 -16.22 13.92 18.45
CA GLU A 661 -15.58 15.13 18.97
C GLU A 661 -14.99 15.83 17.77
N ILE A 662 -15.43 17.00 17.43
CA ILE A 662 -15.02 17.74 16.23
C ILE A 662 -14.34 19.02 16.70
N HIS A 663 -13.05 19.09 16.57
CA HIS A 663 -12.24 20.22 16.99
C HIS A 663 -11.94 21.09 15.83
N LEU A 664 -11.98 22.39 15.97
CA LEU A 664 -11.50 23.33 14.97
C LEU A 664 -10.03 23.64 15.16
N ILE A 665 -9.28 23.63 14.05
CA ILE A 665 -7.82 23.91 14.02
C ILE A 665 -7.54 24.97 12.97
C1 NAG B . -15.30 4.15 -5.57
C2 NAG B . -15.72 2.96 -6.43
C3 NAG B . -14.58 1.98 -6.67
C4 NAG B . -13.26 2.72 -6.64
C5 NAG B . -13.07 3.23 -5.21
C6 NAG B . -11.80 3.94 -4.92
C7 NAG B . -18.08 2.42 -6.61
C8 NAG B . -19.19 1.64 -6.04
N2 NAG B . -16.91 2.26 -5.95
O1 NAG B . -15.08 5.33 -6.42
O3 NAG B . -14.78 1.48 -8.02
O4 NAG B . -12.21 1.79 -6.93
O5 NAG B . -14.11 4.07 -4.83
O6 NAG B . -11.60 5.07 -5.71
O7 NAG B . -18.19 3.23 -7.53
C1 GAL B . -15.11 0.11 -7.98
C2 GAL B . -15.63 -0.22 -9.41
C3 GAL B . -15.72 -1.68 -9.65
C4 GAL B . -14.42 -2.36 -9.30
C5 GAL B . -14.13 -2.05 -7.82
C6 GAL B . -12.83 -2.60 -7.26
O2 GAL B . -16.94 0.41 -9.57
O3 GAL B . -16.08 -1.90 -11.04
O4 GAL B . -13.37 -1.86 -10.15
O5 GAL B . -13.94 -0.65 -7.65
O6 GAL B . -12.90 -4.08 -7.27
C1 GOL C . 12.81 -1.66 2.53
O1 GOL C . 11.82 -1.23 3.45
C2 GOL C . 13.57 -2.90 2.99
O2 GOL C . 12.72 -4.03 2.97
C3 GOL C . 14.77 -3.16 2.16
O3 GOL C . 15.58 -4.23 2.66
#